data_4QTU
#
_entry.id   4QTU
#
_cell.length_a   75.472
_cell.length_b   53.733
_cell.length_c   85.205
_cell.angle_alpha   90.00
_cell.angle_beta   94.55
_cell.angle_gamma   90.00
#
_symmetry.space_group_name_H-M   'P 1 21 1'
#
loop_
_entity.id
_entity.type
_entity.pdbx_description
1 polymer 'Multifunctional methyltransferase subunit TRM112'
2 polymer 'Putative methyltransferase BUD23'
3 non-polymer 'ZINC ION'
4 non-polymer 1,2-ETHANEDIOL
5 non-polymer S-ADENOSYLMETHIONINE
6 water water
#
loop_
_entity_poly.entity_id
_entity_poly.type
_entity_poly.pdbx_seq_one_letter_code
_entity_poly.pdbx_strand_id
1 'polypeptide(L)'
;MKFLTTNFLKCSVKACDTSNDNFPLQYDGSKCQLVQDESIEFNPEFLLNIVDRVDWPAVLTVAAELGNNALPPTKPSFPS
SIQELTDDDMAILNDLHTLLLQTSIAEGEMKCRNCGHIYYIKNGIPNLLLPPHLV
;
A,C
2 'polypeptide(L)'
;MSRPEELAPPEIFYNDSEAHKYTGSTRVQHIQAKMTLRALELLNLQPCSFILDIGCGSGLSGEILTQEGDHVWCGLDISP
SMLATGLSRELEGDLMLQDMGTGIPFRAGSFDAAISISAIQWL(CSO)NADTSYNDPKQRLMRFFNTLYAALKKGGKFVA
QFYPKNDDQVDDILQSAKVAGFSGGLVVDDPESKKNKKYYLVLSSGHHHHHH
;
B,D
#
loop_
_chem_comp.id
_chem_comp.type
_chem_comp.name
_chem_comp.formula
EDO non-polymer 1,2-ETHANEDIOL 'C2 H6 O2'
SAM non-polymer S-ADENOSYLMETHIONINE 'C15 H22 N6 O5 S'
ZN non-polymer 'ZINC ION' 'Zn 2'
#
# COMPACT_ATOMS: atom_id res chain seq x y z
N MET A 1 -28.02 15.39 -13.16
CA MET A 1 -26.61 15.78 -13.23
C MET A 1 -26.36 17.07 -12.46
N LYS A 2 -25.44 17.03 -11.51
CA LYS A 2 -25.20 18.16 -10.60
C LYS A 2 -24.61 19.36 -11.31
N PHE A 3 -24.91 20.55 -10.81
CA PHE A 3 -24.33 21.76 -11.38
C PHE A 3 -22.80 21.69 -11.35
N LEU A 4 -22.25 21.15 -10.28
CA LEU A 4 -20.79 21.00 -10.16
C LEU A 4 -20.19 20.32 -11.39
N THR A 5 -20.85 19.27 -11.83
CA THR A 5 -20.39 18.49 -12.98
C THR A 5 -20.27 19.33 -14.26
N THR A 6 -21.15 20.34 -14.40
CA THR A 6 -21.12 21.23 -15.56
C THR A 6 -19.81 22.02 -15.57
N ASN A 7 -19.18 22.12 -14.41
CA ASN A 7 -17.91 22.83 -14.33
C ASN A 7 -16.70 21.97 -14.70
N PHE A 8 -16.92 20.71 -15.08
CA PHE A 8 -15.79 19.86 -15.46
C PHE A 8 -15.99 19.08 -16.75
N LEU A 9 -17.25 18.81 -17.08
CA LEU A 9 -17.60 18.05 -18.27
C LEU A 9 -17.33 18.85 -19.54
N LYS A 10 -16.51 18.31 -20.44
CA LYS A 10 -16.26 18.95 -21.73
C LYS A 10 -16.85 18.14 -22.88
N CYS A 11 -16.66 18.61 -24.12
CA CYS A 11 -17.15 17.86 -25.27
C CYS A 11 -16.39 16.56 -25.43
N SER A 12 -17.09 15.50 -25.82
CA SER A 12 -16.43 14.20 -26.01
C SER A 12 -15.75 14.00 -27.38
N VAL A 13 -16.12 14.76 -28.41
CA VAL A 13 -15.56 14.40 -29.72
C VAL A 13 -14.08 14.73 -29.73
N LYS A 14 -13.29 13.82 -30.31
CA LYS A 14 -11.85 13.89 -30.19
C LYS A 14 -11.28 15.14 -30.86
N ALA A 15 -11.89 15.54 -31.98
CA ALA A 15 -11.47 16.71 -32.72
C ALA A 15 -11.48 17.97 -31.84
N CYS A 16 -12.43 18.04 -30.91
CA CYS A 16 -12.55 19.20 -29.99
C CYS A 16 -11.54 19.21 -28.83
N ASP A 17 -10.69 18.19 -28.73
CA ASP A 17 -9.69 18.11 -27.66
C ASP A 17 -8.93 19.43 -27.38
N THR A 18 -8.42 20.08 -28.43
CA THR A 18 -7.57 21.25 -28.26
C THR A 18 -8.32 22.55 -28.47
N SER A 19 -9.63 22.51 -28.36
CA SER A 19 -10.44 23.70 -28.54
C SER A 19 -10.84 24.37 -27.20
N ASN A 20 -10.58 25.67 -27.11
CA ASN A 20 -11.02 26.52 -25.98
C ASN A 20 -12.52 26.44 -25.75
N ASP A 21 -13.25 26.08 -26.80
CA ASP A 21 -14.71 26.04 -26.75
C ASP A 21 -15.27 24.62 -26.55
N ASN A 22 -14.43 23.67 -26.11
CA ASN A 22 -15.00 22.36 -25.76
C ASN A 22 -15.55 22.40 -24.34
N PHE A 23 -15.35 23.53 -23.67
CA PHE A 23 -15.76 23.69 -22.28
C PHE A 23 -15.95 25.18 -21.90
N PRO A 24 -17.01 25.50 -21.14
CA PRO A 24 -18.07 24.58 -20.72
C PRO A 24 -19.00 24.24 -21.86
N LEU A 25 -19.81 23.21 -21.71
CA LEU A 25 -20.83 22.96 -22.72
C LEU A 25 -21.89 24.09 -22.60
N GLN A 26 -22.73 24.21 -23.63
CA GLN A 26 -23.75 25.24 -23.67
C GLN A 26 -25.12 24.69 -23.28
N TYR A 27 -25.54 24.96 -22.06
CA TYR A 27 -26.75 24.36 -21.53
C TYR A 27 -27.99 25.13 -21.94
N ASP A 28 -28.95 24.42 -22.52
CA ASP A 28 -30.19 25.00 -23.04
C ASP A 28 -31.18 25.29 -21.92
N GLY A 29 -31.24 26.54 -21.48
CA GLY A 29 -32.11 26.93 -20.38
C GLY A 29 -33.59 26.79 -20.70
N SER A 30 -33.91 26.52 -21.96
CA SER A 30 -35.29 26.27 -22.36
C SER A 30 -35.67 24.83 -22.04
N LYS A 31 -34.75 23.91 -22.25
CA LYS A 31 -35.03 22.49 -22.07
C LYS A 31 -34.70 21.98 -20.67
N CYS A 32 -33.76 22.64 -20.00
CA CYS A 32 -33.24 22.10 -18.75
C CYS A 32 -34.21 22.29 -17.60
N GLN A 33 -34.54 21.17 -16.96
CA GLN A 33 -35.44 21.13 -15.83
C GLN A 33 -34.63 20.89 -14.55
N LEU A 34 -34.72 21.83 -13.62
CA LEU A 34 -33.87 21.79 -12.44
C LEU A 34 -34.55 21.11 -11.26
N VAL A 35 -33.73 20.55 -10.39
CA VAL A 35 -34.21 19.88 -9.20
C VAL A 35 -33.27 20.31 -8.09
N GLN A 36 -33.81 20.55 -6.89
CA GLN A 36 -32.94 20.80 -5.76
C GLN A 36 -33.07 19.62 -4.76
N ASP A 37 -31.92 19.12 -4.30
CA ASP A 37 -31.84 17.90 -3.51
C ASP A 37 -31.10 18.07 -2.17
N GLU A 38 -31.87 18.21 -1.09
CA GLU A 38 -31.31 18.43 0.25
C GLU A 38 -30.62 17.21 0.85
N SER A 39 -30.67 16.08 0.16
CA SER A 39 -30.16 14.82 0.71
C SER A 39 -28.65 14.83 0.94
N ILE A 40 -27.91 15.52 0.07
CA ILE A 40 -26.46 15.64 0.21
C ILE A 40 -26.08 16.62 1.32
N GLU A 41 -25.59 16.08 2.43
CA GLU A 41 -25.25 16.92 3.56
C GLU A 41 -24.16 17.90 3.19
N PHE A 42 -24.27 19.11 3.72
CA PHE A 42 -23.24 20.14 3.63
C PHE A 42 -21.85 19.56 3.92
N ASN A 43 -20.94 19.75 2.98
CA ASN A 43 -19.59 19.19 3.11
C ASN A 43 -18.55 20.29 2.88
N PRO A 44 -18.17 21.03 3.94
CA PRO A 44 -17.24 22.15 3.76
C PRO A 44 -15.82 21.70 3.41
N GLU A 45 -15.42 20.53 3.89
CA GLU A 45 -14.10 20.01 3.56
C GLU A 45 -13.97 19.78 2.04
N PHE A 46 -15.02 19.25 1.44
CA PHE A 46 -14.96 18.96 0.01
C PHE A 46 -14.84 20.27 -0.78
N LEU A 47 -15.67 21.25 -0.40
CA LEU A 47 -15.65 22.56 -1.04
C LEU A 47 -14.26 23.22 -0.96
N LEU A 48 -13.67 23.26 0.24
CA LEU A 48 -12.30 23.74 0.36
C LEU A 48 -11.35 22.96 -0.55
N ASN A 49 -11.57 21.65 -0.71
CA ASN A 49 -10.69 20.86 -1.57
C ASN A 49 -10.87 21.10 -3.07
N ILE A 50 -12.07 21.49 -3.48
CA ILE A 50 -12.37 21.64 -4.91
C ILE A 50 -12.29 23.09 -5.39
N VAL A 51 -12.35 24.08 -4.48
CA VAL A 51 -12.56 25.48 -4.90
C VAL A 51 -11.46 25.99 -5.84
N ASP A 52 -10.20 25.61 -5.60
CA ASP A 52 -9.12 26.13 -6.45
C ASP A 52 -9.29 25.65 -7.89
N ARG A 53 -9.85 24.46 -8.05
CA ARG A 53 -10.06 23.84 -9.37
C ARG A 53 -11.25 24.41 -10.12
N VAL A 54 -12.17 24.98 -9.37
CA VAL A 54 -13.40 25.45 -9.96
C VAL A 54 -13.10 26.61 -10.91
N ASP A 55 -13.69 26.54 -12.10
CA ASP A 55 -13.57 27.60 -13.11
C ASP A 55 -14.73 28.60 -12.92
N TRP A 56 -14.46 29.71 -12.23
CA TRP A 56 -15.55 30.62 -11.89
C TRP A 56 -16.26 31.25 -13.11
N PRO A 57 -15.50 31.69 -14.14
CA PRO A 57 -16.23 32.18 -15.32
C PRO A 57 -17.22 31.16 -15.90
N ALA A 58 -16.82 29.90 -16.02
CA ALA A 58 -17.71 28.83 -16.50
C ALA A 58 -18.87 28.60 -15.54
N VAL A 59 -18.65 28.84 -14.24
CA VAL A 59 -19.77 28.73 -13.29
C VAL A 59 -20.80 29.81 -13.64
N LEU A 60 -20.33 31.04 -13.82
CA LEU A 60 -21.22 32.16 -14.14
C LEU A 60 -21.96 31.92 -15.43
N THR A 61 -21.24 31.45 -16.45
CA THR A 61 -21.86 31.22 -17.76
C THR A 61 -23.00 30.22 -17.67
N VAL A 62 -22.74 29.07 -17.05
CA VAL A 62 -23.74 28.03 -17.01
C VAL A 62 -24.89 28.45 -16.10
N ALA A 63 -24.58 29.11 -14.98
CA ALA A 63 -25.65 29.67 -14.11
C ALA A 63 -26.59 30.64 -14.86
N ALA A 64 -26.02 31.53 -15.66
CA ALA A 64 -26.79 32.49 -16.43
C ALA A 64 -27.67 31.74 -17.43
N GLU A 65 -27.08 30.78 -18.15
CA GLU A 65 -27.85 29.96 -19.08
C GLU A 65 -29.02 29.28 -18.40
N LEU A 66 -28.91 29.04 -17.09
CA LEU A 66 -29.93 28.31 -16.35
C LEU A 66 -30.84 29.19 -15.50
N GLY A 67 -30.73 30.50 -15.68
CA GLY A 67 -31.69 31.42 -15.07
C GLY A 67 -31.16 32.20 -13.89
N ASN A 68 -29.94 31.92 -13.49
CA ASN A 68 -29.39 32.53 -12.29
C ASN A 68 -28.27 33.56 -12.55
N ASN A 69 -28.58 34.83 -12.38
CA ASN A 69 -27.59 35.89 -12.53
C ASN A 69 -27.27 36.59 -11.21
N ALA A 70 -27.59 35.95 -10.09
CA ALA A 70 -27.43 36.56 -8.78
C ALA A 70 -26.10 36.20 -8.11
N LEU A 71 -25.14 35.74 -8.89
CA LEU A 71 -23.89 35.24 -8.33
C LEU A 71 -22.85 36.33 -8.33
N PRO A 72 -21.92 36.28 -7.37
CA PRO A 72 -20.82 37.25 -7.36
C PRO A 72 -19.95 37.14 -8.61
N PRO A 73 -19.47 38.28 -9.13
CA PRO A 73 -18.63 38.28 -10.32
C PRO A 73 -17.27 37.61 -10.12
N THR A 74 -16.79 37.49 -8.88
CA THR A 74 -15.49 36.87 -8.65
C THR A 74 -15.59 35.64 -7.72
N LYS A 75 -14.67 34.69 -7.88
CA LYS A 75 -14.73 33.45 -7.12
C LYS A 75 -14.50 33.71 -5.61
N PRO A 76 -15.42 33.22 -4.77
CA PRO A 76 -15.23 33.27 -3.32
C PRO A 76 -13.87 32.71 -2.92
N SER A 77 -13.28 33.30 -1.89
CA SER A 77 -12.00 32.84 -1.38
C SER A 77 -12.16 32.39 0.06
N PHE A 78 -11.30 31.50 0.52
CA PHE A 78 -11.44 30.94 1.85
C PHE A 78 -10.09 30.74 2.48
N PRO A 79 -10.05 30.67 3.81
CA PRO A 79 -8.83 30.24 4.49
C PRO A 79 -8.53 28.77 4.14
N SER A 80 -7.38 28.25 4.56
CA SER A 80 -6.93 26.95 4.08
C SER A 80 -7.50 25.78 4.89
N SER A 81 -8.08 26.06 6.05
CA SER A 81 -8.60 24.98 6.86
C SER A 81 -9.95 25.28 7.49
N ILE A 82 -10.67 24.21 7.78
CA ILE A 82 -11.96 24.28 8.44
C ILE A 82 -11.93 25.13 9.72
N GLN A 83 -10.85 25.05 10.48
CA GLN A 83 -10.87 25.69 11.80
C GLN A 83 -10.66 27.21 11.72
N GLU A 84 -10.20 27.71 10.56
CA GLU A 84 -10.06 29.15 10.34
C GLU A 84 -11.31 29.78 9.74
N LEU A 85 -12.32 28.97 9.48
CA LEU A 85 -13.52 29.48 8.83
C LEU A 85 -14.26 30.44 9.76
N THR A 86 -14.66 31.59 9.24
CA THR A 86 -15.50 32.52 9.99
C THR A 86 -16.96 32.24 9.72
N ASP A 87 -17.83 32.87 10.50
CA ASP A 87 -19.26 32.81 10.27
C ASP A 87 -19.65 33.25 8.87
N ASP A 88 -18.94 34.24 8.33
CA ASP A 88 -19.20 34.73 6.96
C ASP A 88 -18.77 33.72 5.92
N ASP A 89 -17.56 33.17 6.09
CA ASP A 89 -17.05 32.09 5.26
C ASP A 89 -18.06 30.94 5.21
N MET A 90 -18.51 30.52 6.39
CA MET A 90 -19.42 29.40 6.49
C MET A 90 -20.74 29.68 5.76
N ALA A 91 -21.23 30.90 5.88
CA ALA A 91 -22.45 31.27 5.15
C ALA A 91 -22.22 31.17 3.64
N ILE A 92 -21.03 31.56 3.19
CA ILE A 92 -20.75 31.56 1.76
C ILE A 92 -20.53 30.12 1.26
N LEU A 93 -19.90 29.29 2.09
CA LEU A 93 -19.72 27.87 1.75
C LEU A 93 -21.05 27.16 1.68
N ASN A 94 -21.96 27.51 2.58
CA ASN A 94 -23.30 26.94 2.51
C ASN A 94 -24.01 27.22 1.21
N ASP A 95 -23.88 28.45 0.72
CA ASP A 95 -24.47 28.82 -0.55
C ASP A 95 -23.80 28.12 -1.73
N LEU A 96 -22.48 27.97 -1.67
CA LEU A 96 -21.78 27.21 -2.70
C LEU A 96 -22.25 25.75 -2.71
N HIS A 97 -22.41 25.17 -1.54
CA HIS A 97 -22.90 23.80 -1.44
C HIS A 97 -24.25 23.62 -2.12
N THR A 98 -25.16 24.54 -1.84
CA THR A 98 -26.49 24.52 -2.43
C THR A 98 -26.45 24.62 -3.96
N LEU A 99 -25.67 25.56 -4.43
CA LEU A 99 -25.49 25.82 -5.85
C LEU A 99 -24.82 24.66 -6.57
N LEU A 100 -23.71 24.17 -6.02
CA LEU A 100 -22.88 23.18 -6.73
C LEU A 100 -23.31 21.73 -6.51
N LEU A 101 -23.66 21.37 -5.27
CA LEU A 101 -23.93 19.98 -4.90
C LEU A 101 -25.41 19.62 -4.83
N GLN A 102 -26.27 20.57 -4.45
CA GLN A 102 -27.67 20.23 -4.23
C GLN A 102 -28.55 20.54 -5.42
N THR A 103 -28.00 21.23 -6.41
CA THR A 103 -28.76 21.58 -7.61
C THR A 103 -28.34 20.72 -8.78
N SER A 104 -29.31 20.14 -9.47
CA SER A 104 -29.00 19.28 -10.60
C SER A 104 -29.99 19.41 -11.73
N ILE A 105 -29.54 19.06 -12.93
CA ILE A 105 -30.39 18.95 -14.10
C ILE A 105 -31.01 17.55 -14.18
N ALA A 106 -32.35 17.49 -14.19
CA ALA A 106 -33.04 16.20 -14.25
C ALA A 106 -33.30 15.79 -15.69
N GLU A 107 -33.79 16.74 -16.47
CA GLU A 107 -33.97 16.57 -17.91
C GLU A 107 -33.43 17.81 -18.58
N GLY A 108 -32.87 17.67 -19.78
CA GLY A 108 -32.39 18.84 -20.48
C GLY A 108 -31.41 18.46 -21.57
N GLU A 109 -30.76 19.47 -22.16
CA GLU A 109 -29.74 19.23 -23.18
C GLU A 109 -28.70 20.35 -23.24
N MET A 110 -27.55 20.07 -23.84
CA MET A 110 -26.40 20.98 -23.79
C MET A 110 -25.63 20.71 -25.05
N LYS A 111 -24.89 21.70 -25.53
CA LYS A 111 -24.17 21.46 -26.77
C LYS A 111 -22.76 22.00 -26.72
N CYS A 112 -21.89 21.39 -27.50
CA CYS A 112 -20.52 21.85 -27.63
C CYS A 112 -20.53 23.16 -28.43
N ARG A 113 -20.01 24.23 -27.83
CA ARG A 113 -19.90 25.51 -28.51
C ARG A 113 -19.00 25.42 -29.75
N ASN A 114 -18.12 24.43 -29.80
CA ASN A 114 -17.17 24.35 -30.90
C ASN A 114 -17.67 23.56 -32.09
N CYS A 115 -18.15 22.34 -31.87
CA CYS A 115 -18.56 21.48 -32.97
C CYS A 115 -20.07 21.42 -33.12
N GLY A 116 -20.80 22.05 -32.20
CA GLY A 116 -22.25 21.96 -32.20
C GLY A 116 -22.87 20.63 -31.74
N HIS A 117 -22.08 19.63 -31.37
CA HIS A 117 -22.71 18.36 -30.99
C HIS A 117 -23.63 18.53 -29.79
N ILE A 118 -24.82 17.94 -29.88
CA ILE A 118 -25.80 18.07 -28.82
C ILE A 118 -25.80 16.84 -27.89
N TYR A 119 -25.90 17.06 -26.58
CA TYR A 119 -26.04 15.94 -25.65
C TYR A 119 -27.34 16.03 -24.88
N TYR A 120 -27.91 14.88 -24.53
CA TYR A 120 -29.18 14.85 -23.83
C TYR A 120 -29.03 14.30 -22.41
N ILE A 121 -29.80 14.87 -21.50
CA ILE A 121 -29.87 14.41 -20.12
C ILE A 121 -31.26 13.86 -19.82
N LYS A 122 -31.33 12.60 -19.40
CA LYS A 122 -32.60 11.98 -19.05
C LYS A 122 -32.41 11.23 -17.74
N ASN A 123 -33.35 11.39 -16.83
CA ASN A 123 -33.27 10.84 -15.49
C ASN A 123 -32.00 11.25 -14.77
N GLY A 124 -31.53 12.47 -15.06
CA GLY A 124 -30.36 13.04 -14.41
C GLY A 124 -29.07 12.53 -15.00
N ILE A 125 -29.18 11.67 -16.00
CA ILE A 125 -28.00 11.03 -16.60
C ILE A 125 -27.71 11.52 -18.02
N PRO A 126 -26.53 12.12 -18.22
CA PRO A 126 -26.11 12.52 -19.57
C PRO A 126 -25.74 11.33 -20.44
N ASN A 127 -26.22 11.35 -21.67
CA ASN A 127 -25.79 10.42 -22.70
C ASN A 127 -24.55 10.95 -23.41
N LEU A 128 -23.41 10.32 -23.18
CA LEU A 128 -22.17 10.77 -23.79
C LEU A 128 -21.65 9.77 -24.82
N LEU A 129 -22.52 8.90 -25.33
CA LEU A 129 -22.08 7.98 -26.38
C LEU A 129 -22.02 8.76 -27.68
N LEU A 130 -20.98 8.50 -28.48
CA LEU A 130 -20.81 9.15 -29.77
C LEU A 130 -20.81 8.13 -30.89
N PRO A 131 -21.29 8.53 -32.08
CA PRO A 131 -21.14 7.69 -33.28
C PRO A 131 -19.67 7.47 -33.64
N PRO A 132 -19.33 6.26 -34.12
CA PRO A 132 -17.97 5.77 -34.45
C PRO A 132 -17.03 6.81 -35.08
N HIS A 133 -17.54 7.65 -35.96
CA HIS A 133 -16.68 8.56 -36.73
C HIS A 133 -16.27 9.82 -35.94
N LEU A 134 -16.77 9.96 -34.71
CA LEU A 134 -16.43 11.13 -33.90
C LEU A 134 -15.50 10.78 -32.73
N ILE B 12 -22.79 -5.60 -26.98
CA ILE B 12 -23.67 -5.37 -25.83
C ILE B 12 -23.70 -6.67 -25.02
N PHE B 13 -23.83 -6.56 -23.69
CA PHE B 13 -23.60 -7.71 -22.81
C PHE B 13 -24.70 -7.85 -21.75
N TYR B 14 -25.05 -6.74 -21.11
CA TYR B 14 -26.07 -6.72 -20.07
C TYR B 14 -27.46 -6.44 -20.65
N ASN B 15 -28.48 -6.71 -19.83
CA ASN B 15 -29.85 -6.30 -20.09
C ASN B 15 -30.50 -6.10 -18.71
N ASP B 16 -31.73 -5.59 -18.67
CA ASP B 16 -32.38 -5.25 -17.41
C ASP B 16 -32.40 -6.42 -16.44
N SER B 17 -32.64 -7.61 -16.99
CA SER B 17 -32.72 -8.83 -16.19
C SER B 17 -31.39 -9.14 -15.51
N GLU B 18 -30.33 -9.17 -16.30
CA GLU B 18 -29.01 -9.55 -15.83
C GLU B 18 -28.37 -8.45 -14.95
N ALA B 19 -28.66 -7.18 -15.25
CA ALA B 19 -28.16 -6.09 -14.41
C ALA B 19 -28.77 -6.19 -13.01
N HIS B 20 -30.05 -6.55 -12.95
CA HIS B 20 -30.72 -6.67 -11.65
C HIS B 20 -30.24 -7.88 -10.86
N LYS B 21 -30.04 -9.00 -11.53
CA LYS B 21 -29.60 -10.22 -10.85
C LYS B 21 -28.15 -10.08 -10.36
N TYR B 22 -27.31 -9.40 -11.12
CA TYR B 22 -25.96 -9.06 -10.67
C TYR B 22 -26.00 -8.17 -9.41
N THR B 23 -26.67 -7.02 -9.52
CA THR B 23 -26.70 -6.02 -8.43
C THR B 23 -27.43 -6.54 -7.19
N GLY B 24 -28.36 -7.47 -7.39
CA GLY B 24 -29.11 -8.05 -6.29
C GLY B 24 -28.46 -9.26 -5.63
N SER B 25 -27.42 -9.85 -6.24
CA SER B 25 -26.71 -11.01 -5.65
C SER B 25 -25.83 -10.62 -4.46
N THR B 26 -26.06 -11.29 -3.34
CA THR B 26 -25.34 -10.96 -2.11
C THR B 26 -23.87 -11.30 -2.26
N ARG B 27 -23.59 -12.37 -3.00
CA ARG B 27 -22.20 -12.78 -3.17
C ARG B 27 -21.44 -11.76 -4.05
N VAL B 28 -22.10 -11.23 -5.08
CA VAL B 28 -21.53 -10.16 -5.89
C VAL B 28 -21.29 -8.90 -5.03
N GLN B 29 -22.31 -8.49 -4.29
CA GLN B 29 -22.18 -7.32 -3.41
C GLN B 29 -20.98 -7.39 -2.47
N HIS B 30 -20.80 -8.56 -1.85
CA HIS B 30 -19.73 -8.73 -0.85
C HIS B 30 -18.37 -8.65 -1.50
N ILE B 31 -18.23 -9.25 -2.68
CA ILE B 31 -16.91 -9.27 -3.31
C ILE B 31 -16.59 -7.89 -3.91
N GLN B 32 -17.55 -7.28 -4.58
CA GLN B 32 -17.32 -5.94 -5.12
C GLN B 32 -16.98 -4.97 -3.98
N ALA B 33 -17.66 -5.11 -2.85
CA ALA B 33 -17.38 -4.24 -1.71
C ALA B 33 -15.96 -4.42 -1.21
N LYS B 34 -15.53 -5.67 -1.05
CA LYS B 34 -14.18 -5.95 -0.57
C LYS B 34 -13.07 -5.39 -1.46
N MET B 35 -13.20 -5.62 -2.77
CA MET B 35 -12.22 -5.13 -3.73
C MET B 35 -12.20 -3.60 -3.84
N THR B 36 -13.37 -2.96 -3.73
CA THR B 36 -13.44 -1.49 -3.67
C THR B 36 -12.71 -0.93 -2.44
N LEU B 37 -12.97 -1.52 -1.28
CA LEU B 37 -12.27 -1.15 -0.05
C LEU B 37 -10.79 -1.35 -0.18
N ARG B 38 -10.40 -2.46 -0.81
CA ARG B 38 -9.00 -2.73 -1.03
C ARG B 38 -8.38 -1.70 -2.01
N ALA B 39 -9.11 -1.37 -3.08
CA ALA B 39 -8.66 -0.32 -4.00
C ALA B 39 -8.47 1.00 -3.27
N LEU B 40 -9.40 1.35 -2.39
CA LEU B 40 -9.31 2.59 -1.64
C LEU B 40 -8.10 2.59 -0.71
N GLU B 41 -7.86 1.46 -0.06
CA GLU B 41 -6.66 1.29 0.78
C GLU B 41 -5.41 1.57 -0.07
N LEU B 42 -5.34 0.96 -1.26
CA LEU B 42 -4.22 1.19 -2.14
C LEU B 42 -4.13 2.63 -2.65
N LEU B 43 -5.27 3.30 -2.81
CA LEU B 43 -5.24 4.71 -3.25
C LEU B 43 -4.75 5.65 -2.16
N ASN B 44 -5.02 5.29 -0.90
CA ASN B 44 -4.56 6.10 0.24
C ASN B 44 -4.87 7.60 0.07
N LEU B 45 -6.15 7.91 -0.21
CA LEU B 45 -6.61 9.30 -0.40
C LEU B 45 -6.92 10.01 0.92
N GLN B 46 -6.84 11.34 0.87
CA GLN B 46 -7.45 12.24 1.84
C GLN B 46 -8.95 12.15 1.67
N PRO B 47 -9.71 12.23 2.78
CA PRO B 47 -11.17 12.26 2.70
C PRO B 47 -11.72 13.46 1.93
N CYS B 48 -12.97 13.38 1.46
CA CYS B 48 -13.61 14.49 0.75
C CYS B 48 -12.88 14.90 -0.55
N SER B 49 -12.39 13.91 -1.28
CA SER B 49 -11.74 14.17 -2.57
C SER B 49 -12.74 14.05 -3.71
N PHE B 50 -12.31 14.42 -4.92
CA PHE B 50 -13.17 14.41 -6.11
C PHE B 50 -12.72 13.25 -7.01
N ILE B 51 -13.57 12.23 -7.17
CA ILE B 51 -13.18 10.92 -7.75
C ILE B 51 -13.95 10.54 -9.01
N LEU B 52 -13.27 9.99 -10.00
CA LEU B 52 -13.95 9.40 -11.14
C LEU B 52 -14.04 7.87 -10.95
N ASP B 53 -15.25 7.29 -10.97
CA ASP B 53 -15.42 5.82 -10.90
C ASP B 53 -15.71 5.23 -12.28
N ILE B 54 -14.76 4.48 -12.82
CA ILE B 54 -14.79 4.09 -14.22
C ILE B 54 -15.35 2.68 -14.38
N GLY B 55 -16.47 2.57 -15.07
CA GLY B 55 -17.18 1.30 -15.15
C GLY B 55 -17.98 1.12 -13.87
N CYS B 56 -18.70 2.16 -13.48
CA CYS B 56 -19.35 2.26 -12.17
C CYS B 56 -20.51 1.28 -12.00
N GLY B 57 -20.96 0.69 -13.11
CA GLY B 57 -22.07 -0.23 -13.08
C GLY B 57 -23.30 0.36 -12.41
N SER B 58 -23.84 -0.37 -11.45
CA SER B 58 -25.02 0.05 -10.68
C SER B 58 -24.63 0.76 -9.37
N GLY B 59 -23.35 1.08 -9.22
CA GLY B 59 -22.92 1.93 -8.11
C GLY B 59 -22.51 1.20 -6.85
N LEU B 60 -22.21 -0.09 -6.93
CA LEU B 60 -21.78 -0.80 -5.73
C LEU B 60 -20.44 -0.24 -5.27
N SER B 61 -19.56 0.06 -6.22
CA SER B 61 -18.27 0.60 -5.85
C SER B 61 -18.47 2.06 -5.39
N GLY B 62 -19.33 2.79 -6.10
CA GLY B 62 -19.56 4.21 -5.83
C GLY B 62 -20.12 4.54 -4.46
N GLU B 63 -21.06 3.72 -3.98
CA GLU B 63 -21.63 3.84 -2.63
C GLU B 63 -20.59 3.82 -1.55
N ILE B 64 -19.53 3.06 -1.82
CA ILE B 64 -18.47 2.86 -0.85
C ILE B 64 -17.54 4.08 -0.81
N LEU B 65 -17.29 4.67 -1.98
CA LEU B 65 -16.61 5.97 -2.05
C LEU B 65 -17.31 6.98 -1.15
N THR B 66 -18.62 7.04 -1.27
CA THR B 66 -19.44 7.94 -0.46
C THR B 66 -19.29 7.66 1.04
N GLN B 67 -19.46 6.41 1.42
CA GLN B 67 -19.53 6.02 2.82
C GLN B 67 -18.18 5.93 3.50
N GLU B 68 -17.15 5.48 2.78
CA GLU B 68 -15.85 5.27 3.40
C GLU B 68 -14.98 6.55 3.44
N GLY B 69 -15.02 7.38 2.41
CA GLY B 69 -14.11 8.51 2.35
C GLY B 69 -14.79 9.86 2.25
N ASP B 70 -16.12 9.85 2.17
CA ASP B 70 -16.91 11.07 2.11
C ASP B 70 -16.59 11.77 0.81
N HIS B 71 -16.27 10.97 -0.22
CA HIS B 71 -15.86 11.49 -1.51
C HIS B 71 -17.04 11.90 -2.37
N VAL B 72 -16.81 12.87 -3.25
CA VAL B 72 -17.77 13.22 -4.28
C VAL B 72 -17.29 12.52 -5.55
N TRP B 73 -18.20 11.89 -6.29
CA TRP B 73 -17.76 11.12 -7.45
C TRP B 73 -18.69 11.18 -8.65
N CYS B 74 -18.08 10.99 -9.82
CA CYS B 74 -18.78 10.78 -11.05
C CYS B 74 -18.54 9.36 -11.53
N GLY B 75 -19.60 8.72 -12.02
CA GLY B 75 -19.49 7.34 -12.52
C GLY B 75 -19.73 7.24 -14.02
N LEU B 76 -18.84 6.53 -14.70
CA LEU B 76 -18.98 6.26 -16.13
C LEU B 76 -19.34 4.80 -16.35
N ASP B 77 -20.40 4.53 -17.11
CA ASP B 77 -20.65 3.15 -17.56
C ASP B 77 -21.30 3.10 -18.95
N ILE B 78 -20.97 2.08 -19.73
CA ILE B 78 -21.47 1.93 -21.10
C ILE B 78 -22.85 1.26 -21.16
N SER B 79 -23.30 0.72 -20.03
CA SER B 79 -24.57 -0.03 -20.01
C SER B 79 -25.74 0.75 -19.41
N PRO B 80 -26.78 0.98 -20.22
CA PRO B 80 -27.98 1.64 -19.73
C PRO B 80 -28.71 0.87 -18.65
N SER B 81 -28.73 -0.47 -18.70
CA SER B 81 -29.49 -1.22 -17.70
C SER B 81 -28.76 -1.25 -16.37
N MET B 82 -27.42 -1.28 -16.40
CA MET B 82 -26.66 -1.13 -15.14
C MET B 82 -26.95 0.22 -14.50
N LEU B 83 -26.96 1.29 -15.30
CA LEU B 83 -27.18 2.64 -14.75
C LEU B 83 -28.61 2.82 -14.24
N ALA B 84 -29.56 2.25 -14.98
CA ALA B 84 -30.97 2.32 -14.59
C ALA B 84 -31.16 1.61 -13.26
N THR B 85 -30.39 0.54 -13.07
CA THR B 85 -30.44 -0.13 -11.77
C THR B 85 -29.83 0.78 -10.69
N GLY B 86 -28.76 1.50 -11.04
CA GLY B 86 -28.12 2.39 -10.09
C GLY B 86 -29.06 3.49 -9.62
N LEU B 87 -29.96 3.93 -10.49
CA LEU B 87 -30.90 5.02 -10.18
C LEU B 87 -31.82 4.74 -9.00
N SER B 88 -32.07 3.47 -8.70
CA SER B 88 -32.98 3.16 -7.61
C SER B 88 -32.27 2.96 -6.27
N ARG B 89 -30.95 3.09 -6.28
CA ARG B 89 -30.15 2.78 -5.10
C ARG B 89 -29.75 3.98 -4.24
N GLU B 90 -30.38 5.14 -4.47
CA GLU B 90 -30.13 6.36 -3.66
C GLU B 90 -28.65 6.78 -3.66
N LEU B 91 -28.03 6.85 -4.83
CA LEU B 91 -26.61 7.17 -4.91
C LEU B 91 -26.39 8.67 -4.81
N GLU B 92 -25.24 9.09 -4.31
CA GLU B 92 -24.92 10.53 -4.29
C GLU B 92 -24.10 10.95 -5.52
N GLY B 93 -23.62 9.99 -6.29
CA GLY B 93 -22.74 10.29 -7.42
C GLY B 93 -23.50 10.63 -8.69
N ASP B 94 -22.84 11.32 -9.60
CA ASP B 94 -23.40 11.55 -10.91
C ASP B 94 -23.09 10.37 -11.81
N LEU B 95 -24.14 9.74 -12.34
CA LEU B 95 -23.97 8.63 -13.29
C LEU B 95 -24.02 9.14 -14.73
N MET B 96 -23.12 8.63 -15.55
CA MET B 96 -23.00 9.04 -16.94
C MET B 96 -22.89 7.87 -17.90
N LEU B 97 -23.72 7.88 -18.93
CA LEU B 97 -23.69 6.83 -19.94
C LEU B 97 -22.56 7.12 -20.93
N GLN B 98 -21.51 6.31 -20.88
CA GLN B 98 -20.27 6.66 -21.53
C GLN B 98 -19.39 5.45 -21.84
N ASP B 99 -18.67 5.53 -22.94
CA ASP B 99 -17.72 4.50 -23.36
C ASP B 99 -16.28 4.95 -23.08
N MET B 100 -15.67 4.34 -22.05
CA MET B 100 -14.35 4.74 -21.58
C MET B 100 -13.28 4.61 -22.65
N GLY B 101 -13.49 3.72 -23.61
CA GLY B 101 -12.50 3.53 -24.66
C GLY B 101 -12.45 4.71 -25.62
N THR B 102 -13.43 5.62 -25.55
CA THR B 102 -13.45 6.79 -26.43
C THR B 102 -12.76 7.98 -25.80
N GLY B 103 -12.53 7.89 -24.48
CA GLY B 103 -11.83 8.94 -23.78
C GLY B 103 -12.53 9.35 -22.50
N ILE B 104 -11.85 10.17 -21.70
CA ILE B 104 -12.40 10.66 -20.43
C ILE B 104 -12.76 12.13 -20.60
N PRO B 105 -14.06 12.44 -20.69
CA PRO B 105 -14.52 13.75 -21.19
C PRO B 105 -14.62 14.83 -20.10
N PHE B 106 -13.52 15.07 -19.41
CA PHE B 106 -13.49 16.12 -18.41
C PHE B 106 -12.26 16.97 -18.63
N ARG B 107 -12.32 18.25 -18.29
CA ARG B 107 -11.16 19.10 -18.52
C ARG B 107 -9.96 18.68 -17.68
N ALA B 108 -8.79 19.16 -18.08
CA ALA B 108 -7.51 18.80 -17.45
C ALA B 108 -7.52 19.09 -15.97
N GLY B 109 -6.97 18.16 -15.19
CA GLY B 109 -6.81 18.31 -13.75
C GLY B 109 -8.10 18.28 -12.95
N SER B 110 -9.18 17.80 -13.52
CA SER B 110 -10.44 17.74 -12.80
C SER B 110 -10.37 16.95 -11.49
N PHE B 111 -9.85 15.71 -11.53
CA PHE B 111 -10.07 14.75 -10.42
C PHE B 111 -8.85 14.56 -9.54
N ASP B 112 -9.10 14.28 -8.26
CA ASP B 112 -7.99 13.88 -7.38
C ASP B 112 -7.55 12.47 -7.70
N ALA B 113 -8.49 11.64 -8.09
CA ALA B 113 -8.16 10.24 -8.32
C ALA B 113 -9.23 9.59 -9.15
N ALA B 114 -8.89 8.42 -9.68
CA ALA B 114 -9.83 7.56 -10.37
C ALA B 114 -9.77 6.14 -9.80
N ILE B 115 -10.90 5.47 -9.83
CA ILE B 115 -10.97 4.10 -9.37
C ILE B 115 -11.80 3.28 -10.39
N SER B 116 -11.49 2.00 -10.50
CA SER B 116 -12.21 1.14 -11.43
C SER B 116 -12.19 -0.27 -10.91
N ILE B 117 -13.37 -0.84 -10.67
CA ILE B 117 -13.46 -2.18 -10.12
C ILE B 117 -14.05 -3.13 -11.14
N SER B 118 -13.24 -4.08 -11.62
CA SER B 118 -13.68 -5.16 -12.52
C SER B 118 -14.16 -4.69 -13.88
N ALA B 119 -13.50 -3.69 -14.47
CA ALA B 119 -14.03 -3.08 -15.68
C ALA B 119 -13.05 -2.98 -16.84
N ILE B 120 -11.80 -2.59 -16.58
CA ILE B 120 -10.94 -2.21 -17.71
C ILE B 120 -10.50 -3.39 -18.60
N GLN B 121 -10.66 -4.64 -18.17
CA GLN B 121 -10.29 -5.75 -19.07
C GLN B 121 -11.15 -5.73 -20.34
N TRP B 122 -12.34 -5.15 -20.26
CA TRP B 122 -13.19 -4.91 -21.42
C TRP B 122 -12.52 -4.10 -22.53
N LEU B 123 -11.48 -3.33 -22.20
CA LEU B 123 -10.75 -2.56 -23.20
C LEU B 123 -9.94 -3.46 -24.14
N CSO B 124 -9.70 -4.70 -23.73
CA CSO B 124 -9.08 -5.71 -24.60
CB CSO B 124 -8.51 -6.85 -23.78
SG CSO B 124 -7.32 -6.22 -22.58
C CSO B 124 -10.06 -6.30 -25.62
O CSO B 124 -9.66 -6.98 -26.58
OD CSO B 124 -6.20 -5.06 -23.38
N ASN B 125 -11.35 -6.05 -25.40
CA ASN B 125 -12.38 -6.58 -26.27
C ASN B 125 -12.61 -5.68 -27.49
N ALA B 126 -12.75 -6.29 -28.66
CA ALA B 126 -12.87 -5.56 -29.92
C ALA B 126 -14.26 -5.68 -30.51
N ASP B 127 -15.29 -5.75 -29.69
CA ASP B 127 -16.64 -5.92 -30.20
C ASP B 127 -17.34 -4.58 -30.50
N THR B 128 -17.45 -3.75 -29.46
CA THR B 128 -18.33 -2.57 -29.50
C THR B 128 -18.01 -1.59 -30.63
N SER B 129 -16.73 -1.36 -30.88
CA SER B 129 -16.30 -0.34 -31.82
C SER B 129 -15.28 -0.86 -32.84
N TYR B 130 -14.90 0.00 -33.77
CA TYR B 130 -14.06 -0.42 -34.87
C TYR B 130 -12.68 0.22 -34.87
N ASN B 131 -12.30 0.83 -33.74
CA ASN B 131 -10.89 1.06 -33.47
C ASN B 131 -10.30 -0.21 -32.86
N ASP B 132 -9.00 -0.41 -33.05
CA ASP B 132 -8.30 -1.47 -32.38
C ASP B 132 -8.51 -1.30 -30.87
N PRO B 133 -8.57 -2.42 -30.11
CA PRO B 133 -8.43 -2.33 -28.65
C PRO B 133 -7.15 -1.61 -28.26
N LYS B 134 -6.11 -1.78 -29.07
CA LYS B 134 -4.84 -1.10 -28.84
C LYS B 134 -5.01 0.43 -28.86
N GLN B 135 -5.85 0.91 -29.77
CA GLN B 135 -6.11 2.35 -29.91
C GLN B 135 -7.00 2.89 -28.78
N ARG B 136 -8.04 2.14 -28.46
CA ARG B 136 -8.92 2.48 -27.37
C ARG B 136 -8.18 2.47 -26.05
N LEU B 137 -7.30 1.48 -25.88
CA LEU B 137 -6.51 1.39 -24.67
C LEU B 137 -5.70 2.67 -24.49
N MET B 138 -5.10 3.12 -25.58
CA MET B 138 -4.26 4.32 -25.59
C MET B 138 -5.08 5.58 -25.37
N ARG B 139 -6.24 5.64 -26.01
CA ARG B 139 -7.15 6.74 -25.82
C ARG B 139 -7.57 6.81 -24.36
N PHE B 140 -7.85 5.65 -23.77
CA PHE B 140 -8.25 5.59 -22.37
C PHE B 140 -7.16 6.19 -21.48
N PHE B 141 -5.94 5.63 -21.52
CA PHE B 141 -4.92 6.10 -20.60
C PHE B 141 -4.43 7.53 -20.89
N ASN B 142 -4.34 7.94 -22.15
CA ASN B 142 -3.92 9.32 -22.41
C ASN B 142 -4.91 10.35 -21.88
N THR B 143 -6.19 10.11 -22.07
CA THR B 143 -7.19 11.06 -21.60
C THR B 143 -7.41 10.96 -20.07
N LEU B 144 -7.19 9.78 -19.49
CA LEU B 144 -7.26 9.62 -18.05
C LEU B 144 -6.15 10.41 -17.38
N TYR B 145 -4.95 10.27 -17.93
CA TYR B 145 -3.80 11.00 -17.45
C TYR B 145 -4.11 12.52 -17.43
N ALA B 146 -4.76 13.00 -18.49
CA ALA B 146 -5.02 14.44 -18.64
C ALA B 146 -6.07 14.94 -17.65
N ALA B 147 -7.10 14.13 -17.43
CA ALA B 147 -8.21 14.52 -16.57
C ALA B 147 -7.86 14.43 -15.07
N LEU B 148 -6.75 13.76 -14.75
CA LEU B 148 -6.26 13.71 -13.37
C LEU B 148 -5.43 14.93 -13.04
N LYS B 149 -5.54 15.42 -11.80
CA LYS B 149 -4.62 16.44 -11.32
C LYS B 149 -3.21 15.88 -11.36
N LYS B 150 -2.22 16.76 -11.35
CA LYS B 150 -0.82 16.36 -11.24
C LYS B 150 -0.63 15.55 -9.97
N GLY B 151 -0.04 14.36 -10.06
CA GLY B 151 0.09 13.52 -8.89
C GLY B 151 -1.20 12.77 -8.54
N GLY B 152 -2.22 12.88 -9.39
CA GLY B 152 -3.41 12.07 -9.21
C GLY B 152 -3.13 10.58 -9.29
N LYS B 153 -4.00 9.77 -8.69
CA LYS B 153 -3.80 8.32 -8.63
C LYS B 153 -4.93 7.58 -9.33
N PHE B 154 -4.62 6.38 -9.79
CA PHE B 154 -5.59 5.51 -10.44
C PHE B 154 -5.34 4.11 -9.94
N VAL B 155 -6.38 3.48 -9.41
CA VAL B 155 -6.26 2.09 -9.04
C VAL B 155 -7.38 1.33 -9.71
N ALA B 156 -7.01 0.29 -10.44
CA ALA B 156 -8.01 -0.51 -11.12
C ALA B 156 -7.86 -1.96 -10.70
N GLN B 157 -8.91 -2.53 -10.13
CA GLN B 157 -8.98 -3.99 -10.06
C GLN B 157 -9.55 -4.50 -11.38
N PHE B 158 -8.86 -5.45 -12.01
CA PHE B 158 -9.24 -5.92 -13.35
C PHE B 158 -9.01 -7.43 -13.51
N TYR B 159 -9.65 -8.02 -14.52
CA TYR B 159 -9.51 -9.45 -14.77
C TYR B 159 -8.84 -9.74 -16.11
N PRO B 160 -7.51 -9.87 -16.12
CA PRO B 160 -6.78 -10.22 -17.34
C PRO B 160 -6.96 -11.70 -17.73
N LYS B 161 -7.02 -11.98 -19.02
CA LYS B 161 -7.17 -13.35 -19.51
C LYS B 161 -5.84 -14.08 -19.53
N ASN B 162 -4.76 -13.32 -19.64
CA ASN B 162 -3.42 -13.91 -19.75
C ASN B 162 -2.38 -12.83 -19.52
N ASP B 163 -1.10 -13.21 -19.47
CA ASP B 163 -0.06 -12.25 -19.14
C ASP B 163 0.26 -11.29 -20.27
N ASP B 164 -0.18 -11.61 -21.49
CA ASP B 164 0.02 -10.65 -22.56
C ASP B 164 -0.93 -9.46 -22.42
N GLN B 165 -2.15 -9.70 -21.95
CA GLN B 165 -3.08 -8.60 -21.68
C GLN B 165 -2.52 -7.70 -20.59
N VAL B 166 -2.02 -8.32 -19.53
CA VAL B 166 -1.40 -7.57 -18.45
C VAL B 166 -0.32 -6.65 -18.99
N ASP B 167 0.62 -7.20 -19.76
CA ASP B 167 1.78 -6.44 -20.25
CA ASP B 167 1.76 -6.40 -20.16
C ASP B 167 1.37 -5.35 -21.21
N ASP B 168 0.32 -5.61 -21.98
CA ASP B 168 -0.19 -4.59 -22.90
C ASP B 168 -0.81 -3.41 -22.15
N ILE B 169 -1.54 -3.70 -21.08
CA ILE B 169 -2.16 -2.68 -20.27
C ILE B 169 -1.07 -1.86 -19.60
N LEU B 170 -0.11 -2.54 -18.99
CA LEU B 170 1.01 -1.86 -18.34
C LEU B 170 1.77 -0.97 -19.31
N GLN B 171 2.07 -1.49 -20.51
CA GLN B 171 2.77 -0.72 -21.53
C GLN B 171 2.02 0.53 -21.94
N SER B 172 0.71 0.41 -22.13
CA SER B 172 -0.12 1.55 -22.54
C SER B 172 -0.16 2.62 -21.45
N ALA B 173 -0.27 2.19 -20.20
CA ALA B 173 -0.30 3.11 -19.09
C ALA B 173 1.08 3.78 -18.96
N LYS B 174 2.13 3.02 -19.23
CA LYS B 174 3.48 3.56 -19.18
C LYS B 174 3.70 4.68 -20.21
N VAL B 175 3.33 4.40 -21.46
CA VAL B 175 3.49 5.37 -22.54
C VAL B 175 2.65 6.63 -22.31
N ALA B 176 1.51 6.49 -21.64
CA ALA B 176 0.64 7.63 -21.32
C ALA B 176 1.23 8.56 -20.24
N GLY B 177 2.25 8.09 -19.54
CA GLY B 177 2.87 8.87 -18.48
C GLY B 177 2.76 8.30 -17.06
N PHE B 178 1.98 7.25 -16.85
CA PHE B 178 1.80 6.75 -15.50
C PHE B 178 3.04 6.01 -15.01
N SER B 179 3.25 6.05 -13.69
CA SER B 179 4.21 5.18 -13.03
C SER B 179 3.50 4.40 -11.94
N GLY B 180 4.18 3.38 -11.41
CA GLY B 180 3.58 2.53 -10.41
C GLY B 180 3.69 1.07 -10.80
N GLY B 181 2.71 0.28 -10.42
CA GLY B 181 2.85 -1.16 -10.60
C GLY B 181 1.62 -1.99 -10.41
N LEU B 182 1.86 -3.27 -10.22
CA LEU B 182 0.81 -4.25 -10.11
C LEU B 182 0.79 -4.83 -8.71
N VAL B 183 -0.36 -4.85 -8.06
CA VAL B 183 -0.49 -5.56 -6.79
C VAL B 183 -1.34 -6.81 -7.03
N VAL B 184 -0.86 -7.96 -6.59
CA VAL B 184 -1.62 -9.18 -6.76
C VAL B 184 -1.89 -9.82 -5.41
N ASP B 185 -3.16 -9.76 -4.97
CA ASP B 185 -3.57 -10.33 -3.68
C ASP B 185 -3.87 -11.82 -3.81
N ASP B 186 -3.53 -12.58 -2.76
CA ASP B 186 -3.76 -14.02 -2.70
C ASP B 186 -3.35 -14.75 -3.99
N PRO B 187 -2.12 -14.49 -4.48
CA PRO B 187 -1.75 -14.91 -5.84
C PRO B 187 -1.53 -16.41 -6.02
N GLU B 188 -1.62 -17.18 -4.93
CA GLU B 188 -1.38 -18.61 -4.98
C GLU B 188 -2.69 -19.34 -5.11
N SER B 189 -3.75 -18.54 -5.20
CA SER B 189 -5.10 -19.06 -5.46
C SER B 189 -5.65 -18.44 -6.75
N LYS B 190 -5.51 -19.11 -7.89
CA LYS B 190 -6.03 -18.53 -9.13
C LYS B 190 -7.56 -18.67 -9.19
N LYS B 191 -8.15 -19.14 -8.10
CA LYS B 191 -9.58 -18.99 -7.90
C LYS B 191 -9.86 -17.63 -7.23
N ASN B 192 -9.03 -17.28 -6.25
CA ASN B 192 -9.27 -16.08 -5.47
C ASN B 192 -8.30 -14.93 -5.65
N LYS B 193 -7.31 -15.07 -6.51
CA LYS B 193 -6.35 -13.99 -6.63
C LYS B 193 -6.98 -12.82 -7.37
N LYS B 194 -6.46 -11.63 -7.09
CA LYS B 194 -6.99 -10.42 -7.68
C LYS B 194 -5.85 -9.49 -8.05
N TYR B 195 -5.95 -8.90 -9.24
CA TYR B 195 -4.97 -7.97 -9.76
C TYR B 195 -5.43 -6.54 -9.54
N TYR B 196 -4.54 -5.70 -9.02
CA TYR B 196 -4.80 -4.28 -8.91
C TYR B 196 -3.71 -3.56 -9.67
N LEU B 197 -4.13 -2.72 -10.60
CA LEU B 197 -3.25 -1.77 -11.23
C LEU B 197 -3.18 -0.57 -10.30
N VAL B 198 -1.98 -0.16 -9.89
CA VAL B 198 -1.81 0.98 -8.99
C VAL B 198 -0.89 2.02 -9.63
N LEU B 199 -1.48 3.13 -10.06
CA LEU B 199 -0.74 4.14 -10.81
C LEU B 199 -0.79 5.55 -10.21
N SER B 200 0.15 6.38 -10.64
CA SER B 200 0.08 7.79 -10.38
C SER B 200 0.53 8.55 -11.61
N SER B 201 0.00 9.74 -11.80
CA SER B 201 0.38 10.59 -12.91
C SER B 201 1.57 11.49 -12.53
N GLY B 202 2.05 12.29 -13.47
CA GLY B 202 3.18 13.16 -13.21
C GLY B 202 2.81 14.36 -12.37
N MET C 1 27.42 -9.61 20.25
CA MET C 1 26.01 -9.95 20.48
C MET C 1 25.46 -9.25 21.73
N LYS C 2 24.40 -8.47 21.56
CA LYS C 2 23.82 -7.73 22.69
C LYS C 2 23.12 -8.64 23.67
N PHE C 3 23.02 -8.17 24.91
CA PHE C 3 22.36 -8.95 25.96
C PHE C 3 20.91 -9.23 25.58
N LEU C 4 20.29 -8.24 24.96
CA LEU C 4 18.90 -8.34 24.51
C LEU C 4 18.70 -9.58 23.65
N THR C 5 19.66 -9.83 22.78
CA THR C 5 19.62 -10.96 21.86
C THR C 5 19.61 -12.30 22.59
N THR C 6 20.34 -12.41 23.72
CA THR C 6 20.28 -13.62 24.54
C THR C 6 18.85 -13.89 25.04
N ASN C 7 18.01 -12.86 25.02
CA ASN C 7 16.63 -13.02 25.48
C ASN C 7 15.66 -13.52 24.39
N PHE C 8 16.16 -13.72 23.16
CA PHE C 8 15.30 -14.21 22.07
C PHE C 8 15.87 -15.45 21.37
N LEU C 9 17.20 -15.54 21.30
CA LEU C 9 17.89 -16.60 20.58
C LEU C 9 17.71 -17.94 21.28
N LYS C 10 17.36 -18.96 20.49
CA LYS C 10 17.15 -20.33 20.97
C LYS C 10 18.02 -21.32 20.21
N CYS C 11 17.99 -22.58 20.64
CA CYS C 11 18.75 -23.61 19.95
C CYS C 11 18.28 -23.75 18.50
N SER C 12 19.23 -23.90 17.58
CA SER C 12 18.95 -24.04 16.16
C SER C 12 18.67 -25.48 15.74
N VAL C 13 18.89 -26.42 16.66
CA VAL C 13 18.77 -27.84 16.38
C VAL C 13 17.29 -28.19 16.25
N LYS C 14 16.90 -28.78 15.12
CA LYS C 14 15.49 -29.00 14.83
C LYS C 14 14.79 -29.84 15.89
N ALA C 15 15.47 -30.87 16.37
CA ALA C 15 14.86 -31.78 17.33
C ALA C 15 14.65 -31.10 18.69
N CYS C 16 15.17 -29.90 18.85
CA CYS C 16 14.92 -29.16 20.08
C CYS C 16 13.68 -28.26 19.97
N ASP C 17 13.15 -28.12 18.74
CA ASP C 17 12.01 -27.24 18.47
C ASP C 17 10.89 -27.32 19.49
N THR C 18 10.59 -28.52 19.98
CA THR C 18 9.45 -28.68 20.88
C THR C 18 9.86 -28.71 22.34
N SER C 19 11.13 -28.48 22.63
CA SER C 19 11.59 -28.49 24.02
C SER C 19 11.53 -27.12 24.68
N ASN C 20 10.95 -27.06 25.87
CA ASN C 20 10.96 -25.85 26.69
C ASN C 20 12.36 -25.47 27.14
N ASP C 21 13.33 -26.32 26.88
CA ASP C 21 14.70 -26.00 27.25
C ASP C 21 15.56 -25.61 26.06
N ASN C 22 14.93 -25.32 24.92
CA ASN C 22 15.71 -24.76 23.81
C ASN C 22 15.99 -23.27 24.07
N PHE C 23 15.39 -22.72 25.14
CA PHE C 23 15.53 -21.32 25.48
C PHE C 23 15.41 -21.05 26.99
N PRO C 24 16.25 -20.16 27.53
CA PRO C 24 17.37 -19.51 26.84
C PRO C 24 18.58 -20.43 26.75
N LEU C 25 19.52 -20.10 25.89
CA LEU C 25 20.80 -20.78 25.88
C LEU C 25 21.51 -20.52 27.22
N GLN C 26 22.45 -21.39 27.59
CA GLN C 26 23.19 -21.26 28.84
C GLN C 26 24.55 -20.65 28.53
N TYR C 27 24.82 -19.48 29.08
CA TYR C 27 26.01 -18.72 28.68
C TYR C 27 27.15 -18.93 29.69
N ASP C 28 28.32 -19.31 29.17
CA ASP C 28 29.51 -19.56 29.98
C ASP C 28 30.16 -18.26 30.47
N GLY C 29 29.84 -17.85 31.69
CA GLY C 29 30.38 -16.61 32.22
C GLY C 29 31.90 -16.58 32.32
N SER C 30 32.47 -17.75 32.61
CA SER C 30 33.92 -17.90 32.72
C SER C 30 34.60 -17.75 31.37
N LYS C 31 33.81 -17.86 30.31
CA LYS C 31 34.35 -17.77 28.96
C LYS C 31 33.90 -16.49 28.23
N CYS C 32 32.77 -15.92 28.64
CA CYS C 32 32.23 -14.78 27.91
C CYS C 32 32.88 -13.48 28.33
N GLN C 33 33.36 -12.75 27.33
CA GLN C 33 33.97 -11.45 27.53
C GLN C 33 32.97 -10.36 27.22
N LEU C 34 32.67 -9.52 28.21
CA LEU C 34 31.63 -8.52 28.10
C LEU C 34 32.16 -7.12 27.77
N VAL C 35 31.39 -6.38 26.98
CA VAL C 35 31.73 -5.01 26.62
C VAL C 35 30.52 -4.10 26.81
N GLN C 36 30.71 -2.99 27.50
CA GLN C 36 29.63 -2.04 27.70
C GLN C 36 29.96 -0.74 26.99
N ASP C 37 29.26 -0.48 25.89
CA ASP C 37 29.61 0.58 24.96
C ASP C 37 28.49 1.62 24.79
N GLU C 38 28.76 2.86 25.17
CA GLU C 38 27.75 3.92 25.21
C GLU C 38 27.40 4.51 23.83
N SER C 39 27.87 3.88 22.76
CA SER C 39 27.63 4.39 21.41
C SER C 39 26.17 4.26 20.99
N ILE C 40 25.51 3.19 21.41
CA ILE C 40 24.09 3.04 21.11
C ILE C 40 23.29 3.87 22.09
N GLU C 41 22.60 4.87 21.56
CA GLU C 41 22.04 5.92 22.39
C GLU C 41 20.65 5.56 22.90
N PHE C 42 20.36 6.04 24.10
CA PHE C 42 19.15 5.70 24.83
C PHE C 42 17.85 5.95 24.07
N ASN C 43 17.14 4.87 23.72
CA ASN C 43 15.90 4.98 22.98
C ASN C 43 14.71 4.43 23.78
N PRO C 44 14.06 5.29 24.58
CA PRO C 44 13.00 4.83 25.49
C PRO C 44 11.76 4.26 24.78
N GLU C 45 11.49 4.73 23.56
CA GLU C 45 10.32 4.26 22.82
C GLU C 45 10.50 2.83 22.34
N PHE C 46 11.73 2.45 21.95
CA PHE C 46 11.98 1.06 21.61
C PHE C 46 11.78 0.17 22.83
N LEU C 47 12.24 0.64 23.98
CA LEU C 47 12.17 -0.13 25.21
C LEU C 47 10.72 -0.36 25.60
N LEU C 48 9.92 0.71 25.58
CA LEU C 48 8.50 0.56 25.86
C LEU C 48 7.85 -0.40 24.87
N ASN C 49 8.29 -0.37 23.62
CA ASN C 49 7.76 -1.27 22.59
C ASN C 49 8.10 -2.74 22.82
N ILE C 50 9.27 -3.00 23.39
CA ILE C 50 9.78 -4.36 23.49
C ILE C 50 9.59 -4.97 24.87
N VAL C 51 9.39 -4.12 25.89
CA VAL C 51 9.47 -4.59 27.27
C VAL C 51 8.47 -5.72 27.60
N ASP C 52 7.26 -5.68 27.04
CA ASP C 52 6.26 -6.73 27.31
C ASP C 52 6.69 -8.12 26.81
N ARG C 53 7.28 -8.12 25.62
CA ARG C 53 7.88 -9.30 24.99
C ARG C 53 9.02 -9.92 25.78
N VAL C 54 9.74 -9.08 26.51
CA VAL C 54 10.93 -9.54 27.22
C VAL C 54 10.57 -10.59 28.27
N ASP C 55 11.25 -11.72 28.22
CA ASP C 55 11.05 -12.77 29.20
C ASP C 55 11.97 -12.54 30.41
N TRP C 56 11.39 -12.04 31.50
CA TRP C 56 12.19 -11.65 32.64
C TRP C 56 12.92 -12.83 33.30
N PRO C 57 12.26 -14.01 33.44
CA PRO C 57 13.05 -15.12 34.00
C PRO C 57 14.32 -15.43 33.20
N ALA C 58 14.27 -15.29 31.89
CA ALA C 58 15.46 -15.54 31.06
C ALA C 58 16.48 -14.42 31.19
N VAL C 59 16.02 -13.21 31.48
CA VAL C 59 16.94 -12.10 31.72
C VAL C 59 17.74 -12.44 32.97
N LEU C 60 17.02 -12.74 34.04
CA LEU C 60 17.61 -13.10 35.32
C LEU C 60 18.59 -14.26 35.19
N THR C 61 18.21 -15.28 34.44
CA THR C 61 19.05 -16.46 34.31
C THR C 61 20.34 -16.15 33.55
N VAL C 62 20.23 -15.50 32.39
CA VAL C 62 21.43 -15.16 31.63
C VAL C 62 22.28 -14.14 32.38
N ALA C 63 21.63 -13.23 33.11
CA ALA C 63 22.38 -12.22 33.85
C ALA C 63 23.28 -12.84 34.93
N ALA C 64 22.68 -13.68 35.77
CA ALA C 64 23.41 -14.44 36.78
C ALA C 64 24.58 -15.19 36.15
N GLU C 65 24.32 -15.90 35.05
CA GLU C 65 25.38 -16.66 34.36
C GLU C 65 26.51 -15.74 33.91
N LEU C 66 26.20 -14.46 33.71
CA LEU C 66 27.21 -13.50 33.28
C LEU C 66 27.76 -12.68 34.45
N GLY C 67 27.41 -13.07 35.67
CA GLY C 67 27.97 -12.44 36.85
C GLY C 67 27.15 -11.31 37.43
N ASN C 68 25.91 -11.18 36.98
CA ASN C 68 25.07 -10.10 37.44
C ASN C 68 23.93 -10.60 38.34
N ASN C 69 24.13 -10.52 39.65
CA ASN C 69 23.08 -10.91 40.59
C ASN C 69 22.36 -9.71 41.20
N ALA C 70 22.53 -8.54 40.58
CA ALA C 70 22.01 -7.31 41.16
C ALA C 70 20.61 -6.93 40.62
N LEU C 71 20.06 -7.69 39.68
CA LEU C 71 18.76 -7.34 39.11
C LEU C 71 17.60 -7.68 40.04
N PRO C 72 16.49 -6.92 39.95
CA PRO C 72 15.28 -7.19 40.72
C PRO C 72 14.49 -8.40 40.21
N PRO C 73 13.89 -9.17 41.13
CA PRO C 73 13.21 -10.43 40.79
C PRO C 73 11.99 -10.25 39.89
N THR C 74 11.35 -9.08 39.95
CA THR C 74 10.19 -8.85 39.09
C THR C 74 10.55 -7.83 38.00
N LYS C 75 9.96 -7.99 36.82
CA LYS C 75 10.18 -7.07 35.71
C LYS C 75 9.63 -5.69 36.08
N PRO C 76 10.39 -4.62 35.79
CA PRO C 76 9.91 -3.26 36.03
C PRO C 76 8.62 -2.94 35.27
N SER C 77 7.70 -2.23 35.89
CA SER C 77 6.44 -1.84 35.26
C SER C 77 6.53 -0.45 34.65
N PHE C 78 5.80 -0.21 33.57
CA PHE C 78 5.80 1.10 32.93
C PHE C 78 4.40 1.50 32.46
N PRO C 79 4.19 2.81 32.24
CA PRO C 79 3.01 3.31 31.53
C PRO C 79 3.07 2.90 30.07
N SER C 80 1.97 3.04 29.33
CA SER C 80 1.96 2.56 27.96
C SER C 80 2.67 3.52 26.98
N SER C 81 2.78 4.79 27.35
CA SER C 81 3.29 5.84 26.43
C SER C 81 4.49 6.62 26.96
N ILE C 82 5.32 7.11 26.05
CA ILE C 82 6.46 7.97 26.41
C ILE C 82 6.04 9.19 27.24
N GLN C 83 4.87 9.73 26.90
CA GLN C 83 4.36 10.96 27.52
C GLN C 83 4.00 10.79 29.00
N GLU C 84 3.74 9.56 29.43
CA GLU C 84 3.30 9.31 30.80
C GLU C 84 4.44 8.93 31.74
N LEU C 85 5.66 8.84 31.18
CA LEU C 85 6.82 8.38 31.93
C LEU C 85 7.39 9.40 32.91
N THR C 86 7.13 9.20 34.20
CA THR C 86 7.77 9.99 35.26
C THR C 86 9.29 9.92 35.14
N ASP C 87 9.99 10.77 35.87
CA ASP C 87 11.45 10.77 35.83
C ASP C 87 12.02 9.47 36.40
N ASP C 88 11.31 8.86 37.35
CA ASP C 88 11.76 7.58 37.89
C ASP C 88 11.64 6.48 36.84
N ASP C 89 10.51 6.44 36.14
CA ASP C 89 10.33 5.55 34.99
C ASP C 89 11.49 5.69 34.03
N MET C 90 11.82 6.93 33.71
CA MET C 90 12.85 7.23 32.70
C MET C 90 14.22 6.75 33.17
N ALA C 91 14.46 6.80 34.48
CA ALA C 91 15.72 6.33 35.03
C ALA C 91 15.81 4.81 34.96
N ILE C 92 14.69 4.14 35.23
CA ILE C 92 14.66 2.68 35.18
C ILE C 92 14.81 2.20 33.73
N LEU C 93 14.07 2.83 32.81
CA LEU C 93 14.21 2.51 31.40
C LEU C 93 15.64 2.66 30.93
N ASN C 94 16.32 3.69 31.45
CA ASN C 94 17.70 3.95 31.06
C ASN C 94 18.65 2.85 31.54
N ASP C 95 18.41 2.36 32.75
CA ASP C 95 19.16 1.22 33.25
C ASP C 95 18.87 -0.02 32.41
N LEU C 96 17.61 -0.20 32.02
CA LEU C 96 17.26 -1.26 31.08
C LEU C 96 18.01 -1.11 29.75
N HIS C 97 18.16 0.13 29.29
CA HIS C 97 18.87 0.36 28.03
C HIS C 97 20.34 -0.07 28.16
N THR C 98 20.95 0.31 29.28
CA THR C 98 22.32 -0.07 29.57
C THR C 98 22.46 -1.59 29.66
N LEU C 99 21.55 -2.22 30.37
CA LEU C 99 21.56 -3.68 30.49
C LEU C 99 21.35 -4.40 29.16
N LEU C 100 20.32 -4.02 28.40
CA LEU C 100 19.90 -4.78 27.23
C LEU C 100 20.61 -4.41 25.94
N LEU C 101 20.73 -3.11 25.68
CA LEU C 101 21.27 -2.63 24.40
C LEU C 101 22.77 -2.32 24.43
N GLN C 102 23.26 -1.74 25.53
CA GLN C 102 24.63 -1.22 25.57
C GLN C 102 25.65 -2.31 25.91
N THR C 103 25.21 -3.36 26.60
CA THR C 103 26.10 -4.44 27.01
C THR C 103 26.06 -5.62 26.06
N SER C 104 27.24 -6.12 25.71
CA SER C 104 27.35 -7.03 24.59
C SER C 104 28.46 -8.07 24.84
N ILE C 105 28.30 -9.26 24.28
CA ILE C 105 29.32 -10.32 24.35
C ILE C 105 30.18 -10.26 23.09
N ALA C 106 31.47 -9.94 23.25
CA ALA C 106 32.38 -9.85 22.12
C ALA C 106 32.88 -11.24 21.70
N GLU C 107 33.22 -12.04 22.71
CA GLU C 107 33.69 -13.40 22.51
C GLU C 107 33.14 -14.26 23.64
N GLY C 108 32.68 -15.46 23.32
CA GLY C 108 32.13 -16.33 24.35
C GLY C 108 31.60 -17.61 23.77
N GLU C 109 30.86 -18.35 24.60
CA GLU C 109 30.19 -19.56 24.16
C GLU C 109 28.93 -19.79 25.00
N MET C 110 28.03 -20.62 24.47
CA MET C 110 26.73 -20.85 25.07
C MET C 110 26.26 -22.21 24.59
N LYS C 111 25.47 -22.87 25.42
CA LYS C 111 25.09 -24.25 25.16
C LYS C 111 23.57 -24.36 25.22
N CYS C 112 23.01 -25.27 24.45
CA CYS C 112 21.61 -25.61 24.62
C CYS C 112 21.41 -26.46 25.86
N ARG C 113 20.45 -26.11 26.70
CA ARG C 113 20.16 -26.86 27.92
C ARG C 113 19.50 -28.19 27.64
N ASN C 114 19.12 -28.42 26.39
CA ASN C 114 18.42 -29.64 26.03
C ASN C 114 19.32 -30.68 25.37
N CYS C 115 20.05 -30.25 24.35
CA CYS C 115 20.83 -31.17 23.54
C CYS C 115 22.32 -30.99 23.77
N GLY C 116 22.68 -29.96 24.52
CA GLY C 116 24.07 -29.74 24.87
C GLY C 116 24.94 -29.16 23.77
N HIS C 117 24.35 -28.77 22.64
CA HIS C 117 25.17 -28.25 21.56
C HIS C 117 25.75 -26.89 21.95
N ILE C 118 26.98 -26.63 21.52
CA ILE C 118 27.70 -25.46 21.94
C ILE C 118 27.90 -24.50 20.77
N TYR C 119 27.67 -23.22 21.03
CA TYR C 119 27.74 -22.19 19.99
C TYR C 119 28.81 -21.20 20.38
N TYR C 120 29.59 -20.74 19.41
CA TYR C 120 30.69 -19.84 19.71
C TYR C 120 30.45 -18.45 19.16
N ILE C 121 30.85 -17.44 19.94
CA ILE C 121 30.78 -16.04 19.55
C ILE C 121 32.18 -15.48 19.29
N LYS C 122 32.41 -15.03 18.07
CA LYS C 122 33.67 -14.38 17.70
C LYS C 122 33.42 -12.99 17.14
N ASN C 123 34.09 -12.00 17.72
CA ASN C 123 33.88 -10.61 17.34
C ASN C 123 32.43 -10.19 17.45
N GLY C 124 31.75 -10.66 18.49
CA GLY C 124 30.36 -10.29 18.74
C GLY C 124 29.34 -11.05 17.89
N ILE C 125 29.84 -11.81 16.93
CA ILE C 125 28.97 -12.54 16.01
C ILE C 125 28.89 -14.01 16.37
N PRO C 126 27.69 -14.47 16.74
CA PRO C 126 27.48 -15.90 17.00
C PRO C 126 27.52 -16.75 15.74
N ASN C 127 28.16 -17.90 15.83
CA ASN C 127 28.14 -18.88 14.75
C ASN C 127 27.02 -19.88 14.98
N LEU C 128 25.99 -19.81 14.14
CA LEU C 128 24.81 -20.64 14.33
C LEU C 128 24.69 -21.71 13.26
N LEU C 129 25.79 -22.06 12.61
CA LEU C 129 25.77 -23.10 11.60
C LEU C 129 25.74 -24.47 12.27
N LEU C 130 25.09 -25.43 11.63
CA LEU C 130 25.02 -26.78 12.15
C LEU C 130 25.48 -27.80 11.09
N PRO C 131 25.92 -28.98 11.55
CA PRO C 131 26.08 -30.12 10.65
C PRO C 131 24.72 -30.59 10.14
N PRO C 132 24.68 -31.23 8.96
CA PRO C 132 23.41 -31.60 8.30
C PRO C 132 22.57 -32.61 9.07
N HIS C 133 23.14 -33.35 10.01
CA HIS C 133 22.35 -34.36 10.70
C HIS C 133 21.51 -33.72 11.81
N LEU C 134 21.80 -32.47 12.13
CA LEU C 134 21.12 -31.76 13.21
C LEU C 134 19.96 -30.89 12.71
N VAL C 135 20.00 -30.56 11.41
CA VAL C 135 18.91 -29.90 10.67
C VAL C 135 19.43 -29.51 9.29
N GLU D 18 35.79 -9.96 -3.31
CA GLU D 18 34.54 -10.67 -3.53
C GLU D 18 33.35 -9.91 -2.92
N ALA D 19 33.58 -9.34 -1.75
CA ALA D 19 32.52 -8.79 -0.89
C ALA D 19 32.82 -7.36 -0.47
N HIS D 20 34.11 -7.02 -0.48
CA HIS D 20 34.54 -5.63 -0.29
C HIS D 20 34.17 -4.80 -1.52
N LYS D 21 34.23 -5.41 -2.70
CA LYS D 21 33.88 -4.74 -3.94
C LYS D 21 32.37 -4.54 -4.04
N TYR D 22 31.61 -5.40 -3.37
CA TYR D 22 30.15 -5.30 -3.33
C TYR D 22 29.70 -4.06 -2.54
N THR D 23 30.36 -3.80 -1.42
CA THR D 23 29.97 -2.70 -0.54
C THR D 23 30.45 -1.35 -1.06
N GLY D 24 31.66 -1.32 -1.60
CA GLY D 24 32.26 -0.09 -2.10
C GLY D 24 31.71 0.32 -3.45
N SER D 25 30.86 -0.52 -4.03
CA SER D 25 30.22 -0.22 -5.32
C SER D 25 29.11 0.81 -5.15
N THR D 26 29.21 1.93 -5.85
CA THR D 26 28.22 2.99 -5.75
C THR D 26 26.85 2.51 -6.24
N ARG D 27 26.86 1.66 -7.27
CA ARG D 27 25.62 1.21 -7.90
C ARG D 27 24.83 0.25 -7.00
N VAL D 28 25.44 -0.88 -6.68
CA VAL D 28 24.82 -1.86 -5.79
C VAL D 28 24.38 -1.18 -4.49
N GLN D 29 25.26 -0.36 -3.92
CA GLN D 29 24.91 0.45 -2.75
C GLN D 29 23.58 1.17 -2.96
N HIS D 30 23.40 1.77 -4.14
CA HIS D 30 22.18 2.52 -4.42
C HIS D 30 20.97 1.65 -4.75
N ILE D 31 21.15 0.63 -5.57
CA ILE D 31 20.07 -0.32 -5.84
C ILE D 31 19.51 -0.90 -4.53
N GLN D 32 20.39 -1.52 -3.74
CA GLN D 32 20.00 -2.10 -2.45
C GLN D 32 19.29 -1.10 -1.57
N ALA D 33 19.80 0.12 -1.55
CA ALA D 33 19.26 1.16 -0.68
C ALA D 33 17.80 1.49 -0.99
N LYS D 34 17.50 1.75 -2.26
CA LYS D 34 16.14 2.13 -2.63
C LYS D 34 15.19 0.97 -2.44
N MET D 35 15.60 -0.23 -2.85
CA MET D 35 14.81 -1.43 -2.66
C MET D 35 14.54 -1.68 -1.18
N THR D 36 15.47 -1.30 -0.31
CA THR D 36 15.25 -1.50 1.11
C THR D 36 14.23 -0.50 1.60
N LEU D 37 14.34 0.75 1.16
CA LEU D 37 13.39 1.77 1.54
C LEU D 37 12.00 1.45 0.99
N ARG D 38 11.98 0.81 -0.16
CA ARG D 38 10.72 0.38 -0.79
C ARG D 38 10.08 -0.69 0.10
N ALA D 39 10.85 -1.71 0.45
CA ALA D 39 10.39 -2.76 1.35
C ALA D 39 9.90 -2.16 2.67
N LEU D 40 10.63 -1.17 3.16
CA LEU D 40 10.32 -0.58 4.45
C LEU D 40 8.98 0.18 4.34
N GLU D 41 8.80 0.88 3.23
CA GLU D 41 7.54 1.54 2.92
C GLU D 41 6.38 0.53 2.85
N LEU D 42 6.63 -0.61 2.23
CA LEU D 42 5.63 -1.68 2.17
C LEU D 42 5.35 -2.31 3.54
N LEU D 43 6.37 -2.34 4.40
CA LEU D 43 6.19 -2.84 5.76
C LEU D 43 5.32 -1.91 6.58
N ASN D 44 5.48 -0.61 6.33
CA ASN D 44 4.68 0.43 7.00
C ASN D 44 4.66 0.27 8.51
N LEU D 45 5.85 0.29 9.12
CA LEU D 45 6.01 0.03 10.54
C LEU D 45 5.95 1.28 11.40
N GLN D 46 5.45 1.12 12.62
CA GLN D 46 5.72 2.09 13.68
C GLN D 46 7.21 2.26 13.87
N PRO D 47 7.65 3.46 14.24
CA PRO D 47 9.09 3.59 14.50
C PRO D 47 9.53 2.74 15.70
N CYS D 48 10.84 2.52 15.80
CA CYS D 48 11.41 1.79 16.93
C CYS D 48 10.83 0.39 17.07
N SER D 49 10.86 -0.37 15.98
CA SER D 49 10.40 -1.75 16.00
C SER D 49 11.59 -2.71 16.08
N PHE D 50 11.28 -3.99 16.32
CA PHE D 50 12.29 -5.03 16.44
C PHE D 50 12.23 -5.85 15.16
N ILE D 51 13.27 -5.79 14.34
CA ILE D 51 13.20 -6.39 13.00
C ILE D 51 14.28 -7.44 12.78
N LEU D 52 13.88 -8.51 12.12
CA LEU D 52 14.83 -9.49 11.63
C LEU D 52 15.18 -9.21 10.17
N ASP D 53 16.46 -8.99 9.89
CA ASP D 53 16.96 -8.84 8.52
C ASP D 53 17.57 -10.17 8.08
N ILE D 54 16.91 -10.80 7.12
CA ILE D 54 17.31 -12.11 6.66
C ILE D 54 18.14 -11.99 5.39
N GLY D 55 19.32 -12.61 5.39
CA GLY D 55 20.27 -12.45 4.30
C GLY D 55 20.79 -11.02 4.35
N CYS D 56 21.22 -10.60 5.54
CA CYS D 56 21.51 -9.19 5.81
C CYS D 56 22.78 -8.69 5.10
N GLY D 57 23.56 -9.62 4.57
CA GLY D 57 24.73 -9.29 3.78
C GLY D 57 25.76 -8.47 4.52
N SER D 58 25.99 -7.27 4.02
CA SER D 58 27.04 -6.41 4.54
C SER D 58 26.51 -5.24 5.37
N GLY D 59 25.21 -5.25 5.64
CA GLY D 59 24.63 -4.23 6.51
C GLY D 59 24.00 -3.05 5.80
N LEU D 60 24.10 -3.01 4.47
CA LEU D 60 23.48 -1.92 3.70
C LEU D 60 21.99 -1.80 3.99
N SER D 61 21.31 -2.94 3.95
CA SER D 61 19.92 -2.99 4.38
C SER D 61 19.79 -2.55 5.83
N GLY D 62 20.62 -3.12 6.71
CA GLY D 62 20.56 -2.85 8.14
C GLY D 62 20.74 -1.41 8.58
N GLU D 63 21.71 -0.71 8.00
CA GLU D 63 21.92 0.72 8.28
C GLU D 63 20.64 1.51 8.12
N ILE D 64 19.91 1.17 7.06
CA ILE D 64 18.71 1.88 6.69
C ILE D 64 17.62 1.65 7.71
N LEU D 65 17.52 0.43 8.22
CA LEU D 65 16.56 0.14 9.28
C LEU D 65 16.83 1.08 10.45
N THR D 66 18.10 1.21 10.81
CA THR D 66 18.51 2.12 11.87
C THR D 66 18.19 3.57 11.53
N GLN D 67 18.59 4.01 10.33
CA GLN D 67 18.47 5.40 9.95
C GLN D 67 17.02 5.87 9.73
N GLU D 68 16.23 5.07 9.01
CA GLU D 68 14.90 5.50 8.60
C GLU D 68 13.83 5.44 9.71
N GLY D 69 13.91 4.46 10.60
CA GLY D 69 12.88 4.34 11.63
C GLY D 69 13.36 4.10 13.06
N ASP D 70 14.66 4.28 13.30
CA ASP D 70 15.27 4.03 14.59
C ASP D 70 14.99 2.59 15.10
N HIS D 71 14.91 1.65 14.17
CA HIS D 71 14.60 0.27 14.52
C HIS D 71 15.81 -0.46 15.09
N VAL D 72 15.57 -1.40 16.00
CA VAL D 72 16.59 -2.34 16.44
C VAL D 72 16.44 -3.65 15.65
N TRP D 73 17.55 -4.22 15.18
CA TRP D 73 17.47 -5.38 14.29
C TRP D 73 18.53 -6.45 14.54
N CYS D 74 18.21 -7.69 14.18
CA CYS D 74 19.19 -8.76 14.06
C CYS D 74 19.31 -9.10 12.58
N GLY D 75 20.54 -9.32 12.13
CA GLY D 75 20.77 -9.72 10.76
C GLY D 75 21.23 -11.14 10.73
N LEU D 76 20.76 -11.92 9.76
CA LEU D 76 21.22 -13.28 9.54
C LEU D 76 21.90 -13.36 8.19
N ASP D 77 23.09 -13.93 8.14
CA ASP D 77 23.74 -14.19 6.86
C ASP D 77 24.62 -15.43 6.90
N ILE D 78 24.80 -16.05 5.73
CA ILE D 78 25.50 -17.32 5.62
C ILE D 78 26.95 -17.15 5.13
N SER D 79 27.31 -15.92 4.78
CA SER D 79 28.66 -15.63 4.31
C SER D 79 29.49 -14.92 5.37
N PRO D 80 30.58 -15.57 5.81
CA PRO D 80 31.47 -14.88 6.75
C PRO D 80 32.08 -13.66 6.09
N SER D 81 32.34 -13.74 4.78
CA SER D 81 32.89 -12.61 4.04
C SER D 81 31.99 -11.37 4.15
N MET D 82 30.70 -11.56 3.95
CA MET D 82 29.74 -10.46 4.04
C MET D 82 29.62 -9.93 5.47
N LEU D 83 29.67 -10.83 6.46
CA LEU D 83 29.55 -10.42 7.85
C LEU D 83 30.80 -9.65 8.27
N ALA D 84 31.93 -10.12 7.79
CA ALA D 84 33.21 -9.46 8.01
C ALA D 84 33.15 -7.99 7.60
N THR D 85 32.77 -7.73 6.35
CA THR D 85 32.70 -6.37 5.87
C THR D 85 31.61 -5.60 6.63
N GLY D 86 30.60 -6.34 7.10
CA GLY D 86 29.57 -5.75 7.95
C GLY D 86 30.08 -5.18 9.25
N LEU D 87 31.13 -5.79 9.80
CA LEU D 87 31.74 -5.31 11.04
C LEU D 87 32.38 -3.94 10.85
N SER D 88 32.91 -3.73 9.66
CA SER D 88 33.66 -2.52 9.34
C SER D 88 32.77 -1.29 9.24
N ARG D 89 31.45 -1.51 9.15
CA ARG D 89 30.54 -0.42 8.84
C ARG D 89 29.70 0.09 10.02
N GLU D 90 30.20 -0.09 11.24
CA GLU D 90 29.63 0.56 12.43
C GLU D 90 28.17 0.23 12.73
N LEU D 91 27.75 -1.00 12.47
CA LEU D 91 26.32 -1.32 12.53
C LEU D 91 25.82 -1.43 13.97
N GLU D 92 24.61 -0.93 14.20
CA GLU D 92 23.95 -1.05 15.50
C GLU D 92 23.27 -2.40 15.68
N GLY D 93 23.19 -3.19 14.61
CA GLY D 93 22.45 -4.44 14.68
C GLY D 93 23.33 -5.59 15.09
N ASP D 94 22.73 -6.66 15.58
CA ASP D 94 23.50 -7.87 15.85
C ASP D 94 23.62 -8.71 14.60
N LEU D 95 24.84 -9.03 14.20
CA LEU D 95 25.04 -9.92 13.08
C LEU D 95 25.19 -11.35 13.58
N MET D 96 24.72 -12.30 12.77
CA MET D 96 24.78 -13.71 13.13
C MET D 96 25.08 -14.54 11.90
N LEU D 97 26.05 -15.46 12.03
CA LEU D 97 26.37 -16.38 10.96
C LEU D 97 25.39 -17.53 11.01
N GLN D 98 24.52 -17.60 10.00
CA GLN D 98 23.34 -18.44 10.08
C GLN D 98 22.88 -18.86 8.70
N ASP D 99 22.29 -20.05 8.60
CA ASP D 99 21.70 -20.53 7.36
C ASP D 99 20.18 -20.55 7.50
N MET D 100 19.51 -19.64 6.80
CA MET D 100 18.07 -19.44 6.97
C MET D 100 17.26 -20.67 6.52
N GLY D 101 17.83 -21.48 5.64
CA GLY D 101 17.15 -22.69 5.22
C GLY D 101 17.03 -23.74 6.32
N THR D 102 17.81 -23.59 7.39
CA THR D 102 17.72 -24.52 8.50
C THR D 102 16.69 -24.03 9.52
N GLY D 103 16.23 -22.80 9.34
CA GLY D 103 15.20 -22.27 10.22
C GLY D 103 15.58 -20.96 10.86
N ILE D 104 14.62 -20.35 11.55
CA ILE D 104 14.81 -19.07 12.18
C ILE D 104 14.92 -19.30 13.69
N PRO D 105 16.14 -19.20 14.25
CA PRO D 105 16.47 -19.65 15.61
C PRO D 105 16.12 -18.67 16.74
N PHE D 106 14.87 -18.20 16.78
CA PHE D 106 14.42 -17.29 17.81
C PHE D 106 13.10 -17.78 18.36
N ARG D 107 12.78 -17.44 19.60
CA ARG D 107 11.60 -18.00 20.23
C ARG D 107 10.35 -17.35 19.65
N ALA D 108 9.21 -17.96 19.94
CA ALA D 108 7.95 -17.57 19.32
C ALA D 108 7.62 -16.12 19.60
N GLY D 109 7.23 -15.42 18.55
CA GLY D 109 6.72 -14.07 18.69
C GLY D 109 7.77 -13.02 18.99
N SER D 110 9.03 -13.30 18.67
CA SER D 110 10.12 -12.37 18.96
C SER D 110 10.01 -11.02 18.24
N PHE D 111 9.71 -11.06 16.94
CA PHE D 111 9.91 -9.90 16.07
C PHE D 111 8.60 -9.22 15.63
N ASP D 112 8.64 -7.90 15.52
CA ASP D 112 7.53 -7.14 14.95
C ASP D 112 7.43 -7.42 13.47
N ALA D 113 8.59 -7.58 12.84
CA ALA D 113 8.65 -7.68 11.39
C ALA D 113 9.92 -8.35 10.93
N ALA D 114 9.90 -8.79 9.68
CA ALA D 114 11.10 -9.31 9.06
C ALA D 114 11.26 -8.64 7.71
N ILE D 115 12.50 -8.43 7.30
CA ILE D 115 12.76 -7.85 5.98
C ILE D 115 13.88 -8.63 5.31
N SER D 116 13.78 -8.76 3.98
CA SER D 116 14.75 -9.53 3.22
C SER D 116 14.96 -8.96 1.81
N ILE D 117 16.11 -8.35 1.60
CA ILE D 117 16.43 -7.70 0.33
C ILE D 117 17.35 -8.56 -0.54
N SER D 118 16.79 -9.09 -1.62
CA SER D 118 17.56 -9.85 -2.63
C SER D 118 18.17 -11.11 -2.07
N ALA D 119 17.43 -11.84 -1.26
CA ALA D 119 18.04 -12.91 -0.49
C ALA D 119 17.35 -14.26 -0.61
N ILE D 120 16.03 -14.28 -0.65
CA ILE D 120 15.34 -15.54 -0.46
C ILE D 120 15.33 -16.41 -1.71
N GLN D 121 15.69 -15.85 -2.86
CA GLN D 121 15.73 -16.63 -4.09
C GLN D 121 16.85 -17.68 -4.07
N TRP D 122 17.88 -17.42 -3.26
CA TRP D 122 18.96 -18.37 -3.02
C TRP D 122 18.47 -19.74 -2.50
N LEU D 123 17.31 -19.74 -1.84
CA LEU D 123 16.78 -20.96 -1.23
C LEU D 123 16.37 -22.03 -2.23
N CSO D 124 16.38 -21.69 -3.52
CA CSO D 124 16.25 -22.72 -4.55
CB CSO D 124 15.02 -22.50 -5.44
SG CSO D 124 14.08 -21.04 -4.91
C CSO D 124 17.54 -22.88 -5.34
O CSO D 124 17.59 -22.63 -6.54
OD CSO D 124 12.35 -21.46 -4.84
N ASN D 125 18.58 -23.31 -4.63
CA ASN D 125 19.90 -23.53 -5.19
C ASN D 125 20.60 -24.66 -4.44
N ASP D 132 18.11 -29.83 -1.10
CA ASP D 132 16.67 -30.08 -1.20
C ASP D 132 15.85 -28.79 -0.99
N PRO D 133 15.70 -27.99 -2.06
CA PRO D 133 15.13 -26.64 -1.96
C PRO D 133 13.73 -26.53 -1.34
N LYS D 134 12.78 -27.38 -1.72
CA LYS D 134 11.42 -27.22 -1.23
C LYS D 134 11.33 -27.46 0.28
N GLN D 135 12.14 -28.39 0.78
CA GLN D 135 12.20 -28.71 2.22
C GLN D 135 12.65 -27.50 3.03
N ARG D 136 13.66 -26.80 2.52
CA ARG D 136 14.27 -25.66 3.18
C ARG D 136 13.42 -24.40 3.04
N LEU D 137 12.71 -24.31 1.93
CA LEU D 137 11.75 -23.25 1.69
C LEU D 137 10.66 -23.32 2.76
N MET D 138 10.13 -24.53 2.97
CA MET D 138 9.11 -24.74 3.98
C MET D 138 9.65 -24.54 5.39
N ARG D 139 10.88 -24.99 5.63
CA ARG D 139 11.45 -24.81 6.95
C ARG D 139 11.57 -23.31 7.24
N PHE D 140 12.05 -22.56 6.25
CA PHE D 140 12.22 -21.12 6.38
C PHE D 140 10.89 -20.44 6.74
N PHE D 141 9.85 -20.72 5.97
CA PHE D 141 8.56 -20.06 6.17
C PHE D 141 7.80 -20.48 7.44
N ASN D 142 7.81 -21.75 7.83
CA ASN D 142 7.18 -22.14 9.08
C ASN D 142 7.87 -21.58 10.31
N THR D 143 9.20 -21.57 10.30
CA THR D 143 9.92 -21.05 11.44
C THR D 143 9.85 -19.52 11.49
N LEU D 144 9.89 -18.87 10.34
CA LEU D 144 9.74 -17.41 10.29
C LEU D 144 8.36 -17.01 10.81
N TYR D 145 7.34 -17.75 10.38
CA TYR D 145 5.98 -17.55 10.88
C TYR D 145 5.93 -17.59 12.41
N ALA D 146 6.55 -18.62 13.00
CA ALA D 146 6.58 -18.79 14.44
C ALA D 146 7.35 -17.65 15.14
N ALA D 147 8.45 -17.21 14.55
CA ALA D 147 9.29 -16.19 15.19
C ALA D 147 8.69 -14.76 15.12
N LEU D 148 7.68 -14.54 14.27
CA LEU D 148 7.00 -13.24 14.20
C LEU D 148 5.89 -13.13 15.24
N LYS D 149 5.69 -11.93 15.78
CA LYS D 149 4.53 -11.68 16.63
C LYS D 149 3.25 -11.92 15.82
N LYS D 150 2.11 -12.04 16.50
CA LYS D 150 0.87 -12.25 15.77
C LYS D 150 0.52 -10.99 15.00
N GLY D 151 0.25 -11.16 13.71
CA GLY D 151 0.01 -10.02 12.85
C GLY D 151 1.30 -9.31 12.45
N GLY D 152 2.44 -9.92 12.77
CA GLY D 152 3.72 -9.42 12.27
C GLY D 152 3.81 -9.51 10.75
N LYS D 153 4.66 -8.69 10.17
CA LYS D 153 4.75 -8.60 8.71
C LYS D 153 6.09 -9.10 8.19
N PHE D 154 6.09 -9.57 6.95
CA PHE D 154 7.32 -9.96 6.27
C PHE D 154 7.31 -9.45 4.85
N VAL D 155 8.28 -8.60 4.53
CA VAL D 155 8.48 -8.18 3.14
C VAL D 155 9.79 -8.67 2.56
N ALA D 156 9.71 -9.36 1.43
CA ALA D 156 10.90 -9.87 0.76
C ALA D 156 11.02 -9.40 -0.69
N GLN D 157 12.00 -8.55 -0.98
CA GLN D 157 12.39 -8.31 -2.37
C GLN D 157 13.29 -9.44 -2.81
N PHE D 158 12.90 -10.09 -3.90
CA PHE D 158 13.65 -11.22 -4.40
C PHE D 158 13.72 -11.17 -5.92
N TYR D 159 14.74 -11.80 -6.48
CA TYR D 159 14.90 -11.89 -7.92
C TYR D 159 14.48 -13.26 -8.41
N PRO D 160 13.23 -13.38 -8.89
CA PRO D 160 12.78 -14.69 -9.35
C PRO D 160 13.41 -14.99 -10.71
N LYS D 161 13.61 -16.27 -11.01
CA LYS D 161 14.16 -16.63 -12.31
C LYS D 161 13.02 -16.93 -13.25
N ASN D 162 12.43 -18.10 -13.09
CA ASN D 162 11.24 -18.46 -13.84
C ASN D 162 9.99 -18.11 -13.04
N ASP D 163 8.83 -18.17 -13.70
CA ASP D 163 7.58 -17.80 -13.07
C ASP D 163 7.05 -18.92 -12.16
N ASP D 164 7.78 -20.01 -12.09
CA ASP D 164 7.35 -21.14 -11.29
C ASP D 164 8.05 -21.12 -9.96
N GLN D 165 9.17 -20.40 -9.90
CA GLN D 165 9.82 -20.10 -8.64
C GLN D 165 8.85 -19.28 -7.82
N VAL D 166 8.33 -18.22 -8.43
CA VAL D 166 7.32 -17.35 -7.82
C VAL D 166 6.17 -18.14 -7.23
N ASP D 167 5.60 -19.04 -8.01
CA ASP D 167 4.44 -19.82 -7.57
C ASP D 167 4.79 -20.79 -6.46
N ASP D 168 6.06 -21.20 -6.41
CA ASP D 168 6.51 -22.11 -5.35
C ASP D 168 6.75 -21.35 -4.05
N ILE D 169 7.47 -20.24 -4.14
CA ILE D 169 7.67 -19.34 -3.01
C ILE D 169 6.33 -18.96 -2.40
N LEU D 170 5.42 -18.50 -3.26
CA LEU D 170 4.06 -18.12 -2.87
C LEU D 170 3.34 -19.21 -2.15
N GLN D 171 3.44 -20.41 -2.73
CA GLN D 171 2.74 -21.58 -2.21
C GLN D 171 3.26 -21.99 -0.83
N SER D 172 4.58 -21.94 -0.66
CA SER D 172 5.20 -22.22 0.62
C SER D 172 4.69 -21.25 1.69
N ALA D 173 4.71 -19.97 1.33
CA ALA D 173 4.29 -18.91 2.23
C ALA D 173 2.88 -19.18 2.70
N LYS D 174 2.00 -19.52 1.76
CA LYS D 174 0.61 -19.79 2.09
C LYS D 174 0.46 -20.96 3.04
N VAL D 175 1.14 -22.07 2.75
CA VAL D 175 1.04 -23.26 3.60
C VAL D 175 1.52 -22.93 5.02
N ALA D 176 2.58 -22.15 5.14
CA ALA D 176 3.07 -21.70 6.46
C ALA D 176 2.01 -20.92 7.26
N GLY D 177 1.01 -20.37 6.57
CA GLY D 177 0.02 -19.56 7.25
C GLY D 177 0.06 -18.06 6.97
N PHE D 178 0.98 -17.60 6.13
CA PHE D 178 1.01 -16.17 5.77
C PHE D 178 -0.12 -15.78 4.83
N SER D 179 -0.62 -14.56 4.96
CA SER D 179 -1.52 -14.03 3.95
C SER D 179 -0.94 -12.74 3.39
N GLY D 180 -1.43 -12.31 2.25
CA GLY D 180 -0.92 -11.11 1.63
C GLY D 180 -0.79 -11.35 0.15
N GLY D 181 0.34 -10.96 -0.43
CA GLY D 181 0.46 -11.10 -1.87
C GLY D 181 1.74 -10.55 -2.45
N LEU D 182 1.66 -10.21 -3.73
CA LEU D 182 2.80 -9.80 -4.50
C LEU D 182 2.66 -8.37 -4.97
N VAL D 183 3.73 -7.58 -4.82
CA VAL D 183 3.82 -6.25 -5.39
C VAL D 183 4.92 -6.23 -6.44
N VAL D 184 4.59 -5.82 -7.67
CA VAL D 184 5.60 -5.72 -8.71
C VAL D 184 5.75 -4.28 -9.19
N ASP D 185 6.86 -3.67 -8.82
CA ASP D 185 7.18 -2.31 -9.24
C ASP D 185 7.68 -2.26 -10.68
N ASP D 186 7.35 -1.18 -11.38
CA ASP D 186 7.69 -0.98 -12.79
C ASP D 186 7.65 -2.28 -13.61
N PRO D 187 6.52 -3.00 -13.56
CA PRO D 187 6.47 -4.36 -14.10
C PRO D 187 6.52 -4.43 -15.62
N GLU D 188 6.37 -3.30 -16.29
CA GLU D 188 6.39 -3.29 -17.76
C GLU D 188 7.82 -3.40 -18.28
N SER D 189 8.80 -3.10 -17.41
CA SER D 189 10.21 -3.05 -17.81
C SER D 189 10.98 -4.28 -17.35
N LYS D 190 11.44 -5.10 -18.31
CA LYS D 190 12.25 -6.26 -17.97
C LYS D 190 13.53 -5.84 -17.24
N LYS D 191 14.01 -4.64 -17.54
CA LYS D 191 15.18 -4.03 -16.89
C LYS D 191 14.94 -3.71 -15.41
N ASN D 192 13.91 -2.92 -15.13
CA ASN D 192 13.71 -2.33 -13.80
C ASN D 192 12.73 -3.04 -12.86
N LYS D 193 12.00 -4.02 -13.41
CA LYS D 193 11.04 -4.86 -12.68
C LYS D 193 11.55 -5.32 -11.29
N LYS D 194 10.74 -5.11 -10.25
CA LYS D 194 11.07 -5.60 -8.90
C LYS D 194 9.88 -6.32 -8.26
N TYR D 195 10.13 -7.52 -7.73
CA TYR D 195 9.10 -8.31 -7.06
C TYR D 195 9.25 -8.23 -5.56
N TYR D 196 8.16 -7.89 -4.88
CA TYR D 196 8.18 -7.86 -3.42
C TYR D 196 7.11 -8.76 -2.87
N LEU D 197 7.51 -9.73 -2.06
CA LEU D 197 6.56 -10.50 -1.28
C LEU D 197 6.09 -9.60 -0.16
N VAL D 198 4.77 -9.45 0.00
CA VAL D 198 4.25 -8.71 1.16
C VAL D 198 3.29 -9.58 1.96
N LEU D 199 3.71 -9.96 3.16
CA LEU D 199 2.96 -10.93 3.96
C LEU D 199 2.74 -10.48 5.39
N SER D 200 1.74 -11.10 6.02
CA SER D 200 1.53 -10.96 7.45
C SER D 200 1.11 -12.29 8.04
N SER D 201 1.24 -12.42 9.34
CA SER D 201 0.82 -13.63 10.03
C SER D 201 -0.51 -13.37 10.72
N GLY D 202 -1.06 -14.37 11.40
CA GLY D 202 -2.33 -14.19 12.09
C GLY D 202 -2.20 -14.01 13.59
ZN ZN E . -17.37 19.46 -29.70
C1 EDO F . -11.11 8.21 -30.39
O1 EDO F . -11.46 8.81 -31.66
C2 EDO F . -9.65 7.72 -30.39
O2 EDO F . -9.56 6.30 -30.61
C1 EDO G . -35.56 24.92 -8.04
O1 EDO G . -35.66 24.52 -9.41
C2 EDO G . -34.08 25.08 -7.68
O2 EDO G . -33.46 25.98 -8.60
C1 EDO H . -25.70 12.14 -28.28
O1 EDO H . -24.52 11.45 -27.87
C2 EDO H . -26.84 11.82 -27.32
O2 EDO H . -26.66 12.53 -26.09
C1 EDO I . -8.90 26.16 0.80
O1 EDO I . -9.31 27.47 0.38
C2 EDO I . -7.66 25.77 -0.01
O2 EDO I . -7.73 26.44 -1.27
C1 EDO J . -17.85 35.17 15.06
O1 EDO J . -16.70 35.24 15.91
C2 EDO J . -17.46 35.39 13.61
O2 EDO J . -16.53 34.39 13.19
C1 EDO K . -16.05 37.23 2.86
O1 EDO K . -15.19 36.44 2.04
C2 EDO K . -15.50 38.65 2.90
O2 EDO K . -14.42 38.73 3.84
N SAM L . -17.73 -1.18 -10.63
CA SAM L . -18.99 -1.88 -10.48
C SAM L . -19.01 -2.89 -9.33
O SAM L . -20.04 -3.54 -9.13
OXT SAM L . -18.02 -3.10 -8.59
CB SAM L . -19.37 -2.61 -11.76
CG SAM L . -18.49 -3.80 -12.10
SD SAM L . -19.22 -4.72 -13.50
CE SAM L . -18.59 -6.39 -13.25
C5' SAM L . -18.19 -4.12 -14.88
C4' SAM L . -18.76 -2.84 -15.53
O4' SAM L . -17.92 -2.24 -16.52
C3' SAM L . -20.11 -3.11 -16.17
O3' SAM L . -21.04 -2.30 -15.49
C2' SAM L . -19.95 -2.63 -17.61
O2' SAM L . -21.12 -2.01 -18.09
C1' SAM L . -18.76 -1.67 -17.54
N9 SAM L . -18.07 -1.39 -18.84
C8 SAM L . -17.64 -2.30 -19.77
N7 SAM L . -17.07 -1.64 -20.82
C5 SAM L . -17.13 -0.30 -20.58
C6 SAM L . -16.71 0.81 -21.30
N6 SAM L . -16.10 0.72 -22.50
N1 SAM L . -16.90 2.05 -20.76
C2 SAM L . -17.53 2.20 -19.55
N3 SAM L . -17.94 1.09 -18.84
C4 SAM L . -17.75 -0.15 -19.33
C1 EDO M . -16.32 -9.11 -14.14
O1 EDO M . -17.28 -9.14 -13.08
C2 EDO M . -15.92 -10.55 -14.44
O2 EDO M . -17.11 -11.35 -14.33
C1 EDO N . -5.10 10.82 -28.20
O1 EDO N . -5.87 10.78 -26.99
C2 EDO N . -4.09 9.70 -28.17
O2 EDO N . -4.75 8.49 -27.79
C1 EDO O . 3.22 1.26 -15.10
O1 EDO O . 3.55 0.26 -16.07
C2 EDO O . 4.29 2.35 -15.07
O2 EDO O . 5.30 2.05 -14.10
C1 EDO P . 0.98 -15.99 0.19
O1 EDO P . 1.22 -16.52 -1.13
C2 EDO P . 0.00 -14.83 0.08
O2 EDO P . -1.31 -15.30 0.40
C1 EDO Q . -26.02 -14.56 -3.90
O1 EDO Q . -25.50 -15.58 -4.74
C2 EDO Q . -27.52 -14.42 -4.11
O2 EDO Q . -28.01 -13.38 -3.26
C1 EDO R . -17.93 5.76 8.23
O1 EDO R . -17.56 4.38 8.07
C2 EDO R . -16.73 6.66 8.45
O2 EDO R . -16.34 7.29 7.21
C1 EDO S . -19.99 12.61 0.40
O1 EDO S . -21.24 12.47 1.10
C2 EDO S . -20.01 13.95 -0.34
O2 EDO S . -20.33 14.99 0.59
C1 EDO T . -10.16 8.27 1.69
O1 EDO T . -10.73 7.09 1.07
C2 EDO T . -10.34 8.31 3.21
O2 EDO T . -9.64 7.20 3.80
C1 EDO U . -27.90 -2.66 -21.11
O1 EDO U . -28.89 -2.38 -22.11
C2 EDO U . -26.47 -2.69 -21.65
O2 EDO U . -26.42 -3.57 -22.78
C1 EDO V . 0.76 -4.05 -0.56
O1 EDO V . 0.46 -2.65 -0.49
C2 EDO V . -0.09 -4.82 0.44
O2 EDO V . -0.07 -6.23 0.14
ZN ZN W . 19.31 -28.00 21.54
C1 EDO X . 4.67 -6.61 34.73
O1 EDO X . 3.38 -6.11 35.09
C2 EDO X . 5.69 -5.77 35.49
O2 EDO X . 6.27 -6.56 36.50
C1 EDO Y . 28.51 -23.45 16.37
O1 EDO Y . 29.21 -22.24 16.69
C2 EDO Y . 29.45 -24.39 15.64
O2 EDO Y . 30.62 -24.58 16.43
N SAM Z . 20.34 -7.45 2.19
CA SAM Z . 21.75 -7.16 1.93
C SAM Z . 21.92 -5.86 1.15
O SAM Z . 22.83 -5.08 1.43
OXT SAM Z . 21.14 -5.57 0.24
CB SAM Z . 22.43 -8.31 1.17
CG SAM Z . 21.91 -8.61 -0.23
SD SAM Z . 22.91 -9.89 -1.04
CE SAM Z . 22.50 -9.71 -2.81
C5' SAM Z . 22.04 -11.43 -0.61
C4' SAM Z . 22.60 -12.11 0.64
O4' SAM Z . 21.89 -13.29 0.96
C3' SAM Z . 24.07 -12.51 0.51
O3' SAM Z . 24.85 -11.75 1.41
C2' SAM Z . 24.14 -13.95 0.94
O2' SAM Z . 25.23 -14.10 1.81
C1' SAM Z . 22.79 -14.17 1.62
N9 SAM Z . 22.29 -15.58 1.65
C8 SAM Z . 22.12 -16.44 0.59
N7 SAM Z . 21.62 -17.62 1.07
C5 SAM Z . 21.49 -17.53 2.40
C6 SAM Z . 21.05 -18.42 3.37
N6 SAM Z . 20.65 -19.64 3.04
N1 SAM Z . 21.02 -18.03 4.70
C2 SAM Z . 21.43 -16.76 5.06
N3 SAM Z . 21.87 -15.87 4.09
C4 SAM Z . 21.90 -16.25 2.78
C1 EDO AA . 1.36 -0.63 -4.03
O1 EDO AA . 1.18 -0.43 -2.62
C2 EDO AA . 2.14 0.52 -4.65
O2 EDO AA . 2.33 0.29 -6.06
#